data_3UYK
#
_entry.id   3UYK
#
_cell.length_a   54.021
_cell.length_b   57.076
_cell.length_c   68.100
_cell.angle_alpha   81.98
_cell.angle_beta   74.10
_cell.angle_gamma   86.07
#
_symmetry.space_group_name_H-M   'P 1'
#
loop_
_entity.id
_entity.type
_entity.pdbx_description
1 polymer NDP-rhamnosyltransferase
2 non-polymer 'MAGNESIUM ION'
3 non-polymer (2R,3aS,5aR,5bS,9S,13S,14R,16aS,16bR)-9-ethyl-2,13-dihydroxy-14-methyl-2,3,3a,5a,5b,6,9,10,11,12,13,14,16a,16b-tetradecahydro-1H-as-indaceno[3,2-d]oxacyclododecine-7,15-dione
4 non-polymer beta-D-glucopyranose
5 water water
#
_entity_poly.entity_id   1
_entity_poly.type   'polypeptide(L)'
_entity_poly.pdbx_seq_one_letter_code
;HMRVLVVPLPYPTHLMAMVPLCWALQASGHEVLIAAPPELQATAHGAGLTTAGIRGNDRTGDTGGTTQLRFPNPAFGQRD
TEAGRQLWEQTASNVAQSSLDQLPEYLRLAEAWRPSVLLVDVCALIGRVLGGLLDLPVVLHRWGVDPTAGPFSDRAHELL
DPVCRHHGLTGLPTPELILDPCPPSLQASDAPQGAPVQYVPYNGSGAFPAWGAARTSARRVCICMGRMVLNATGPAPLLR
AVAAATELPGVEAVIAVPPEHRALLTDLPDNARIAESVPLNLFLRTCELVICAGGSGTAFTATRLGIPQLVLPQYFDQFD
YARNLAAAGAGICLPDEQAQSDHEQFTDSIATVLGDTGFAAAAIKLSDEITAMPHPAALVRTLENTA
;
_entity_poly.pdbx_strand_id   A,B
#
# COMPACT_ATOMS: atom_id res chain seq x y z
N HIS A 1 7.36 -15.07 11.79
CA HIS A 1 6.16 -14.21 11.61
C HIS A 1 6.22 -13.13 12.61
N MET A 2 6.61 -11.95 12.15
CA MET A 2 6.60 -10.76 13.00
C MET A 2 5.28 -10.04 13.03
N ARG A 3 5.02 -9.37 14.16
CA ARG A 3 3.99 -8.41 14.25
C ARG A 3 4.72 -7.08 14.51
N VAL A 4 4.71 -6.19 13.49
CA VAL A 4 5.48 -4.98 13.58
C VAL A 4 4.57 -3.79 13.89
N LEU A 5 4.77 -3.16 15.06
CA LEU A 5 4.04 -1.96 15.36
C LEU A 5 4.92 -0.74 14.97
N VAL A 6 4.32 0.14 14.16
CA VAL A 6 5.05 1.23 13.51
C VAL A 6 4.69 2.46 14.31
N VAL A 7 5.70 3.24 14.71
CA VAL A 7 5.45 4.38 15.56
C VAL A 7 6.11 5.58 14.86
N PRO A 8 5.36 6.32 14.02
CA PRO A 8 5.87 7.51 13.34
C PRO A 8 5.66 8.74 14.20
N LEU A 9 6.40 9.80 13.97
CA LEU A 9 5.89 11.10 14.36
C LEU A 9 4.59 11.43 13.60
N PRO A 10 3.71 12.28 14.20
CA PRO A 10 2.39 12.45 13.65
C PRO A 10 2.37 13.52 12.62
N TYR A 11 3.30 13.45 11.66
CA TYR A 11 3.27 14.22 10.43
C TYR A 11 3.04 13.22 9.29
N PRO A 12 2.11 13.53 8.34
CA PRO A 12 2.01 12.66 7.14
C PRO A 12 3.40 12.29 6.53
N THR A 13 4.27 13.25 6.31
CA THR A 13 5.58 12.98 5.61
C THR A 13 6.55 11.89 6.21
N HIS A 14 6.57 11.82 7.53
CA HIS A 14 7.44 10.86 8.23
C HIS A 14 6.98 9.39 8.07
N LEU A 15 5.66 9.23 8.07
CA LEU A 15 5.04 7.92 7.75
C LEU A 15 5.33 7.50 6.30
N MET A 16 5.15 8.41 5.33
CA MET A 16 5.46 8.07 3.97
C MET A 16 6.83 7.49 3.73
N ALA A 17 7.84 8.00 4.45
CA ALA A 17 9.14 7.52 4.41
C ALA A 17 9.24 6.02 4.80
N MET A 18 8.28 5.57 5.64
CA MET A 18 8.32 4.15 6.07
C MET A 18 7.40 3.22 5.25
N VAL A 19 6.63 3.83 4.34
CA VAL A 19 5.64 2.96 3.61
C VAL A 19 6.22 1.78 2.79
N PRO A 20 7.28 1.97 1.99
CA PRO A 20 7.81 0.88 1.27
C PRO A 20 8.34 -0.28 2.16
N LEU A 21 8.96 0.08 3.28
CA LEU A 21 9.33 -0.99 4.26
C LEU A 21 8.08 -1.69 4.78
N CYS A 22 7.00 -0.97 5.08
CA CYS A 22 5.74 -1.63 5.59
C CYS A 22 5.21 -2.57 4.55
N TRP A 23 5.20 -2.12 3.30
CA TRP A 23 4.77 -3.03 2.19
C TRP A 23 5.71 -4.19 2.05
N ALA A 24 7.05 -3.97 2.17
CA ALA A 24 7.96 -5.09 2.08
C ALA A 24 7.63 -6.15 3.18
N LEU A 25 7.30 -5.69 4.39
CA LEU A 25 7.01 -6.55 5.53
C LEU A 25 5.77 -7.37 5.16
N GLN A 26 4.75 -6.67 4.67
CA GLN A 26 3.45 -7.34 4.47
C GLN A 26 3.54 -8.29 3.27
N ALA A 27 4.29 -7.93 2.23
CA ALA A 27 4.53 -8.78 1.09
C ALA A 27 5.33 -10.05 1.40
N SER A 28 6.03 -10.02 2.54
CA SER A 28 6.89 -11.12 3.01
C SER A 28 6.14 -11.91 4.08
N GLY A 29 4.85 -11.64 4.22
CA GLY A 29 3.95 -12.39 5.11
C GLY A 29 3.91 -11.98 6.56
N HIS A 30 4.42 -10.81 6.93
CA HIS A 30 4.41 -10.35 8.31
C HIS A 30 3.23 -9.40 8.49
N GLU A 31 2.86 -9.12 9.73
CA GLU A 31 1.72 -8.25 10.01
C GLU A 31 2.27 -6.91 10.49
N VAL A 32 1.63 -5.83 10.00
CA VAL A 32 2.06 -4.40 10.24
C VAL A 32 0.83 -3.61 10.70
N LEU A 33 1.01 -2.83 11.76
CA LEU A 33 -0.08 -1.99 12.27
C LEU A 33 0.58 -0.63 12.59
N ILE A 34 0.00 0.47 12.07
CA ILE A 34 0.50 1.80 12.27
C ILE A 34 -0.20 2.48 13.49
N ALA A 35 0.55 2.82 14.53
CA ALA A 35 -0.04 3.63 15.69
C ALA A 35 -0.24 5.07 15.15
N ALA A 36 -1.49 5.50 15.03
CA ALA A 36 -1.74 6.72 14.24
C ALA A 36 -2.71 7.67 15.02
N PRO A 37 -2.21 8.85 15.47
CA PRO A 37 -3.10 9.94 15.88
C PRO A 37 -4.09 10.33 14.73
N PRO A 38 -5.18 11.09 15.03
CA PRO A 38 -6.04 11.54 13.91
C PRO A 38 -5.28 12.06 12.70
N GLU A 39 -4.21 12.80 12.96
CA GLU A 39 -3.45 13.50 11.91
C GLU A 39 -2.83 12.55 10.89
N LEU A 40 -2.60 11.29 11.29
CA LEU A 40 -2.01 10.34 10.37
C LEU A 40 -2.99 9.38 9.72
N GLN A 41 -4.24 9.31 10.20
CA GLN A 41 -5.14 8.24 9.76
C GLN A 41 -5.24 8.16 8.26
N ALA A 42 -5.55 9.31 7.65
CA ALA A 42 -5.71 9.36 6.21
C ALA A 42 -4.47 9.02 5.38
N THR A 43 -3.27 9.35 5.89
CA THR A 43 -2.05 8.98 5.24
C THR A 43 -1.80 7.41 5.28
N ALA A 44 -2.13 6.86 6.41
CA ALA A 44 -1.88 5.41 6.64
C ALA A 44 -2.87 4.64 5.76
N HIS A 45 -4.15 5.05 5.87
CA HIS A 45 -5.23 4.39 5.06
C HIS A 45 -4.98 4.50 3.62
N GLY A 46 -4.44 5.65 3.21
CA GLY A 46 -4.10 5.89 1.83
C GLY A 46 -2.97 5.15 1.20
N ALA A 47 -2.13 4.51 2.05
CA ALA A 47 -1.09 3.64 1.61
C ALA A 47 -1.48 2.18 1.65
N GLY A 48 -2.73 1.93 1.99
CA GLY A 48 -3.28 0.58 2.04
C GLY A 48 -2.98 -0.08 3.40
N LEU A 49 -2.55 0.72 4.39
CA LEU A 49 -2.14 0.20 5.70
C LEU A 49 -3.24 0.20 6.72
N THR A 50 -3.09 -0.60 7.75
CA THR A 50 -4.08 -0.54 8.82
C THR A 50 -3.56 0.20 10.06
N THR A 51 -4.47 0.74 10.85
CA THR A 51 -4.09 1.67 11.95
C THR A 51 -4.62 1.23 13.33
N ALA A 52 -3.96 1.66 14.36
CA ALA A 52 -4.63 1.67 15.65
C ALA A 52 -4.70 3.13 16.04
N GLY A 53 -5.89 3.53 16.50
CA GLY A 53 -6.13 4.92 16.77
C GLY A 53 -5.45 5.36 18.06
N ILE A 54 -4.81 6.51 17.99
CA ILE A 54 -4.19 7.14 19.17
C ILE A 54 -4.83 8.50 19.27
N ARG A 55 -5.26 8.84 20.48
CA ARG A 55 -5.49 10.24 20.92
C ARG A 55 -6.39 10.30 22.15
N ARG A 70 9.14 34.07 10.59
CA ARG A 70 9.88 33.13 11.36
C ARG A 70 10.48 32.02 10.47
N PHE A 71 10.12 31.91 9.19
CA PHE A 71 10.81 31.00 8.26
C PHE A 71 11.25 31.73 7.01
N PRO A 72 12.32 31.27 6.40
CA PRO A 72 13.22 30.22 6.90
C PRO A 72 13.96 30.52 8.16
N ASN A 73 14.34 29.46 8.89
CA ASN A 73 15.04 29.67 10.17
C ASN A 73 16.39 28.93 10.14
N PRO A 74 17.41 29.56 9.59
CA PRO A 74 18.72 28.91 9.50
C PRO A 74 19.28 28.41 10.78
N ALA A 75 18.82 28.86 11.97
CA ALA A 75 19.48 28.34 13.17
C ALA A 75 19.23 26.81 13.32
N PHE A 76 18.20 26.25 12.65
CA PHE A 76 18.05 24.78 12.64
C PHE A 76 19.27 24.04 12.10
N GLY A 77 19.96 24.70 11.19
CA GLY A 77 21.20 24.10 10.61
C GLY A 77 22.50 24.58 11.23
N GLN A 78 22.37 25.16 12.44
CA GLN A 78 23.48 25.78 13.15
C GLN A 78 23.51 25.21 14.58
N ARG A 79 23.73 23.91 14.74
CA ARG A 79 23.57 23.27 16.04
C ARG A 79 24.78 23.60 17.02
N ASP A 80 25.87 24.17 16.48
CA ASP A 80 26.97 24.68 17.33
C ASP A 80 26.71 26.08 17.91
N THR A 81 25.60 26.69 17.59
CA THR A 81 25.26 27.97 18.20
C THR A 81 24.22 27.76 19.31
N GLU A 82 24.12 28.72 20.21
CA GLU A 82 23.14 28.66 21.24
C GLU A 82 21.69 28.65 20.68
N ALA A 83 21.41 29.49 19.66
CA ALA A 83 20.09 29.57 19.03
C ALA A 83 19.73 28.22 18.45
N GLY A 84 20.69 27.60 17.76
CA GLY A 84 20.35 26.30 17.08
C GLY A 84 20.13 25.21 18.16
N ARG A 85 21.00 25.18 19.20
CA ARG A 85 20.90 24.16 20.30
C ARG A 85 19.51 24.34 20.91
N GLN A 86 19.08 25.58 21.10
CA GLN A 86 17.78 25.80 21.74
C GLN A 86 16.63 25.23 20.94
N LEU A 87 16.67 25.37 19.60
CA LEU A 87 15.55 24.96 18.76
C LEU A 87 15.48 23.49 18.86
N TRP A 88 16.64 22.83 18.80
CA TRP A 88 16.60 21.33 18.85
C TRP A 88 16.25 20.80 20.26
N GLU A 89 16.80 21.45 21.30
CA GLU A 89 16.37 21.14 22.69
C GLU A 89 14.85 21.34 22.92
N GLN A 90 14.30 22.45 22.44
CA GLN A 90 12.85 22.62 22.56
C GLN A 90 12.06 21.51 21.79
N THR A 91 12.53 21.12 20.60
CA THR A 91 11.87 20.09 19.85
C THR A 91 11.91 18.78 20.68
N ALA A 92 13.06 18.43 21.29
CA ALA A 92 13.07 17.26 22.12
C ALA A 92 12.11 17.36 23.36
N SER A 93 12.08 18.56 23.94
CA SER A 93 11.21 18.71 25.12
C SER A 93 9.73 18.46 24.70
N ASN A 94 9.33 19.03 23.57
CA ASN A 94 7.97 18.83 23.05
C ASN A 94 7.66 17.38 22.81
N VAL A 95 8.57 16.69 22.10
CA VAL A 95 8.36 15.27 21.85
C VAL A 95 8.36 14.43 23.14
N ALA A 96 9.19 14.78 24.12
CA ALA A 96 9.30 14.01 25.37
C ALA A 96 8.02 14.19 26.16
N GLN A 97 7.48 15.41 26.18
CA GLN A 97 6.24 15.64 26.94
C GLN A 97 5.08 14.85 26.32
N SER A 98 4.95 14.91 24.99
CA SER A 98 4.03 14.03 24.26
C SER A 98 4.14 12.59 24.56
N SER A 99 5.38 12.07 24.62
CA SER A 99 5.60 10.68 24.97
C SER A 99 5.06 10.30 26.35
N LEU A 100 5.37 11.10 27.41
CA LEU A 100 4.74 10.89 28.70
C LEU A 100 3.19 11.02 28.62
N ASP A 101 2.67 12.01 27.92
CA ASP A 101 1.22 12.08 27.75
C ASP A 101 0.54 10.90 27.14
N GLN A 102 1.17 10.28 26.13
CA GLN A 102 0.52 9.23 25.37
C GLN A 102 0.89 7.89 25.82
N LEU A 103 1.83 7.79 26.75
CA LEU A 103 2.35 6.49 27.15
C LEU A 103 1.22 5.44 27.53
N PRO A 104 0.23 5.82 28.34
CA PRO A 104 -0.78 4.81 28.65
C PRO A 104 -1.50 4.16 27.46
N GLU A 105 -1.84 5.00 26.47
CA GLU A 105 -2.49 4.53 25.28
C GLU A 105 -1.58 3.55 24.53
N TYR A 106 -0.28 3.89 24.42
CA TYR A 106 0.62 2.98 23.66
C TYR A 106 0.87 1.71 24.47
N LEU A 107 0.92 1.80 25.81
CA LEU A 107 1.07 0.57 26.57
C LEU A 107 -0.18 -0.34 26.41
N ARG A 108 -1.37 0.25 26.45
CA ARG A 108 -2.63 -0.57 26.18
C ARG A 108 -2.60 -1.25 24.83
N LEU A 109 -2.22 -0.48 23.82
CA LEU A 109 -2.08 -1.03 22.44
C LEU A 109 -1.09 -2.18 22.33
N ALA A 110 0.09 -2.04 22.92
CA ALA A 110 1.07 -3.13 22.82
C ALA A 110 0.56 -4.35 23.58
N GLU A 111 -0.04 -4.12 24.73
CA GLU A 111 -0.58 -5.23 25.52
C GLU A 111 -1.66 -5.95 24.70
N ALA A 112 -2.48 -5.17 23.98
CA ALA A 112 -3.55 -5.74 23.08
C ALA A 112 -3.07 -6.48 21.85
N TRP A 113 -2.21 -5.83 21.09
CA TRP A 113 -1.75 -6.34 19.84
C TRP A 113 -0.48 -7.22 19.89
N ARG A 114 0.36 -7.05 20.91
CA ARG A 114 1.48 -7.95 21.17
C ARG A 114 2.46 -7.92 20.00
N PRO A 115 3.01 -6.72 19.68
CA PRO A 115 4.03 -6.67 18.63
C PRO A 115 5.31 -7.41 19.06
N SER A 116 6.05 -7.90 18.08
CA SER A 116 7.33 -8.49 18.42
C SER A 116 8.49 -7.55 18.13
N VAL A 117 8.22 -6.42 17.42
CA VAL A 117 9.32 -5.48 17.13
C VAL A 117 8.60 -4.12 16.91
N LEU A 118 9.27 -3.03 17.28
CA LEU A 118 8.72 -1.68 17.06
C LEU A 118 9.60 -1.07 15.94
N LEU A 119 8.92 -0.51 14.93
CA LEU A 119 9.62 0.21 13.89
C LEU A 119 9.32 1.70 14.13
N VAL A 120 10.36 2.48 14.46
CA VAL A 120 10.10 3.73 15.17
C VAL A 120 10.79 4.87 14.42
N ASP A 121 10.06 5.95 14.10
CA ASP A 121 10.71 7.11 13.47
C ASP A 121 11.82 7.62 14.50
N VAL A 122 13.02 7.97 14.01
CA VAL A 122 14.12 8.44 14.88
C VAL A 122 13.71 9.53 15.85
N CYS A 123 12.78 10.40 15.46
CA CYS A 123 12.35 11.47 16.40
C CYS A 123 11.19 11.09 17.36
N ALA A 124 10.54 9.93 17.09
CA ALA A 124 9.32 9.54 17.87
C ALA A 124 9.74 8.83 19.17
N LEU A 125 10.19 9.63 20.17
CA LEU A 125 10.84 9.10 21.36
C LEU A 125 9.94 8.13 22.10
N ILE A 126 8.61 8.28 21.97
CA ILE A 126 7.72 7.32 22.64
C ILE A 126 8.03 5.87 22.23
N GLY A 127 8.40 5.63 20.99
CA GLY A 127 8.76 4.26 20.54
C GLY A 127 9.93 3.69 21.34
N ARG A 128 10.91 4.54 21.64
CA ARG A 128 12.07 4.09 22.42
C ARG A 128 11.70 3.78 23.90
N VAL A 129 10.85 4.63 24.45
CA VAL A 129 10.37 4.43 25.86
C VAL A 129 9.61 3.10 25.83
N LEU A 130 8.71 2.94 24.86
CA LEU A 130 7.83 1.74 24.85
C LEU A 130 8.68 0.50 24.71
N GLY A 131 9.67 0.49 23.81
CA GLY A 131 10.54 -0.64 23.74
C GLY A 131 11.26 -0.97 25.04
N GLY A 132 11.71 0.06 25.80
CA GLY A 132 12.40 -0.24 27.06
C GLY A 132 11.44 -0.82 28.09
N LEU A 133 10.29 -0.22 28.20
CA LEU A 133 9.36 -0.59 29.29
C LEU A 133 8.82 -1.98 29.04
N LEU A 134 8.73 -2.41 27.76
CA LEU A 134 8.13 -3.69 27.36
C LEU A 134 9.16 -4.71 26.92
N ASP A 135 10.44 -4.34 26.99
CA ASP A 135 11.52 -5.23 26.60
C ASP A 135 11.34 -5.76 25.14
N LEU A 136 11.07 -4.83 24.19
CA LEU A 136 10.82 -5.20 22.77
C LEU A 136 11.97 -4.55 21.98
N PRO A 137 12.49 -5.24 20.96
CA PRO A 137 13.53 -4.68 20.03
C PRO A 137 12.99 -3.47 19.33
N VAL A 138 13.79 -2.39 19.30
CA VAL A 138 13.39 -1.18 18.54
C VAL A 138 14.30 -1.03 17.33
N VAL A 139 13.68 -0.82 16.17
CA VAL A 139 14.43 -0.50 14.92
C VAL A 139 14.06 0.95 14.62
N LEU A 140 15.03 1.87 14.67
CA LEU A 140 14.75 3.26 14.39
C LEU A 140 14.84 3.37 12.87
N HIS A 141 14.05 4.29 12.35
CA HIS A 141 14.06 4.60 10.87
C HIS A 141 14.26 6.05 10.63
N ARG A 142 15.31 6.40 9.88
CA ARG A 142 15.55 7.79 9.43
C ARG A 142 14.76 8.03 8.18
N TRP A 143 14.22 9.24 8.00
CA TRP A 143 13.61 9.57 6.71
C TRP A 143 14.60 10.18 5.75
N GLY A 144 15.76 10.57 6.27
CA GLY A 144 16.72 11.34 5.45
C GLY A 144 17.88 11.82 6.33
N VAL A 145 18.32 13.02 6.09
CA VAL A 145 19.43 13.61 6.88
C VAL A 145 18.94 13.62 8.35
N ASP A 146 19.79 13.19 9.28
CA ASP A 146 19.35 13.10 10.73
C ASP A 146 20.26 14.03 11.54
N PRO A 147 19.76 15.21 11.99
CA PRO A 147 20.57 16.12 12.80
C PRO A 147 20.18 16.03 14.24
N THR A 148 19.76 14.87 14.67
CA THR A 148 19.38 14.74 16.09
C THR A 148 20.48 14.46 17.09
N ALA A 149 21.69 14.18 16.63
CA ALA A 149 22.87 14.09 17.57
C ALA A 149 23.14 15.39 18.32
N GLY A 150 23.70 15.35 19.53
CA GLY A 150 23.94 16.58 20.26
C GLY A 150 22.65 17.08 20.91
N PRO A 151 22.14 18.27 20.52
CA PRO A 151 21.10 18.90 21.38
C PRO A 151 19.82 18.14 21.53
N PHE A 152 19.28 17.63 20.41
CA PHE A 152 18.03 16.84 20.51
C PHE A 152 18.24 15.59 21.36
N SER A 153 19.28 14.82 21.05
CA SER A 153 19.48 13.55 21.71
C SER A 153 19.82 13.76 23.21
N ASP A 154 20.65 14.77 23.48
CA ASP A 154 21.03 15.04 24.89
C ASP A 154 19.82 15.44 25.69
N ARG A 155 18.93 16.27 25.12
CA ARG A 155 17.72 16.69 25.87
C ARG A 155 16.75 15.54 26.00
N ALA A 156 16.67 14.68 24.98
CA ALA A 156 15.76 13.49 25.12
C ALA A 156 16.22 12.57 26.27
N HIS A 157 17.54 12.39 26.40
CA HIS A 157 18.12 11.61 27.51
C HIS A 157 17.89 12.32 28.84
N GLU A 158 18.08 13.63 28.83
CA GLU A 158 17.87 14.43 30.06
C GLU A 158 16.49 14.17 30.63
N LEU A 159 15.50 14.15 29.77
CA LEU A 159 14.11 14.09 30.19
C LEU A 159 13.60 12.67 30.31
N LEU A 160 14.13 11.74 29.51
CA LEU A 160 13.55 10.38 29.48
C LEU A 160 14.39 9.32 30.18
N ASP A 161 15.65 9.59 30.52
CA ASP A 161 16.48 8.60 31.22
C ASP A 161 15.86 8.33 32.64
N PRO A 162 15.40 9.40 33.34
CA PRO A 162 14.78 9.21 34.70
C PRO A 162 13.54 8.33 34.66
N VAL A 163 12.69 8.59 33.70
CA VAL A 163 11.58 7.77 33.44
C VAL A 163 11.91 6.28 33.23
N CYS A 164 12.90 5.99 32.39
CA CYS A 164 13.29 4.66 32.13
C CYS A 164 13.95 4.04 33.36
N ARG A 165 14.72 4.85 34.12
CA ARG A 165 15.32 4.34 35.38
C ARG A 165 14.25 3.98 36.43
N HIS A 166 13.19 4.77 36.48
CA HIS A 166 12.09 4.39 37.41
C HIS A 166 11.51 3.05 37.11
N HIS A 167 11.56 2.65 35.83
CA HIS A 167 11.04 1.32 35.44
C HIS A 167 12.07 0.28 35.39
N GLY A 168 13.27 0.56 35.92
CA GLY A 168 14.31 -0.49 36.08
C GLY A 168 15.44 -0.54 35.10
N LEU A 169 15.45 0.37 34.11
CA LEU A 169 16.43 0.35 33.02
C LEU A 169 17.55 1.36 33.30
N THR A 170 18.65 1.32 32.53
CA THR A 170 19.79 2.19 32.75
C THR A 170 19.50 3.61 32.33
N GLY A 171 18.59 3.74 31.36
CA GLY A 171 18.20 5.02 30.80
C GLY A 171 17.38 4.71 29.52
N LEU A 172 17.11 5.75 28.72
CA LEU A 172 16.47 5.55 27.40
C LEU A 172 17.39 4.58 26.64
N PRO A 173 16.87 3.43 26.16
CA PRO A 173 17.77 2.40 25.60
C PRO A 173 18.34 2.82 24.26
N THR A 174 19.53 2.30 23.98
CA THR A 174 20.04 2.37 22.59
C THR A 174 19.26 1.39 21.70
N PRO A 175 18.85 1.82 20.49
CA PRO A 175 18.03 0.92 19.67
C PRO A 175 18.81 -0.28 19.20
N GLU A 176 18.12 -1.37 18.91
CA GLU A 176 18.79 -2.49 18.28
C GLU A 176 19.42 -2.15 16.92
N LEU A 177 18.84 -1.23 16.14
CA LEU A 177 19.35 -1.08 14.75
C LEU A 177 18.76 0.28 14.33
N ILE A 178 19.46 0.99 13.45
CA ILE A 178 18.91 2.21 12.88
C ILE A 178 18.98 1.99 11.39
N LEU A 179 17.87 2.21 10.67
CA LEU A 179 17.89 2.05 9.19
C LEU A 179 18.00 3.46 8.57
N ASP A 180 18.78 3.58 7.49
CA ASP A 180 19.15 4.87 6.97
C ASP A 180 19.10 4.87 5.46
N PRO A 181 18.10 5.58 4.86
CA PRO A 181 18.01 5.69 3.42
C PRO A 181 18.82 6.90 2.83
N CYS A 182 19.41 7.73 3.69
CA CYS A 182 20.20 8.87 3.17
C CYS A 182 21.47 8.47 2.44
N PRO A 183 21.73 9.03 1.25
CA PRO A 183 23.03 8.79 0.55
C PRO A 183 24.12 9.11 1.61
N PRO A 184 25.08 8.19 1.87
CA PRO A 184 26.03 8.50 2.90
C PRO A 184 26.81 9.76 2.72
N SER A 185 27.12 10.12 1.49
CA SER A 185 27.91 11.34 1.31
C SER A 185 27.14 12.66 1.71
N LEU A 186 25.80 12.52 1.97
CA LEU A 186 24.98 13.66 2.46
C LEU A 186 24.58 13.57 3.91
N GLN A 187 24.89 12.46 4.59
CA GLN A 187 24.35 12.33 5.99
C GLN A 187 25.16 13.21 6.91
N ALA A 188 24.56 13.71 8.00
CA ALA A 188 25.22 14.59 8.99
C ALA A 188 26.41 13.86 9.64
N SER A 189 27.51 14.58 9.84
CA SER A 189 28.75 13.89 10.28
C SER A 189 28.54 13.23 11.63
N ASP A 190 27.67 13.80 12.45
CA ASP A 190 27.54 13.28 13.82
C ASP A 190 26.43 12.24 14.02
N ALA A 191 25.74 11.88 12.93
CA ALA A 191 24.69 10.85 13.10
C ALA A 191 25.38 9.50 13.32
N PRO A 192 24.90 8.71 14.30
CA PRO A 192 25.37 7.31 14.55
C PRO A 192 25.27 6.45 13.32
N GLN A 193 26.17 5.49 13.12
CA GLN A 193 26.05 4.67 11.92
C GLN A 193 24.69 3.88 11.89
N GLY A 194 24.04 3.92 10.75
CA GLY A 194 22.87 3.10 10.45
C GLY A 194 23.13 2.09 9.35
N ALA A 195 22.31 1.10 9.31
CA ALA A 195 22.32 0.17 8.24
C ALA A 195 21.61 0.73 6.97
N PRO A 196 22.20 0.55 5.75
CA PRO A 196 21.60 1.13 4.55
C PRO A 196 20.28 0.42 4.24
N VAL A 197 19.34 1.23 3.75
CA VAL A 197 18.11 0.71 3.12
C VAL A 197 17.80 1.63 1.96
N GLN A 198 17.65 1.02 0.79
CA GLN A 198 17.49 1.82 -0.47
C GLN A 198 16.19 2.63 -0.44
N TYR A 199 16.31 3.92 -0.72
CA TYR A 199 15.08 4.77 -0.87
C TYR A 199 14.25 4.31 -2.08
N VAL A 200 12.94 4.10 -1.86
CA VAL A 200 11.98 3.76 -2.94
C VAL A 200 10.96 4.89 -2.95
N PRO A 201 10.82 5.56 -4.11
CA PRO A 201 9.92 6.70 -4.11
C PRO A 201 8.51 6.33 -3.59
N TYR A 202 8.01 7.05 -2.63
CA TYR A 202 6.58 6.94 -2.34
C TYR A 202 6.13 8.29 -1.99
N ASN A 203 5.31 8.78 -2.92
CA ASN A 203 4.82 10.13 -2.78
C ASN A 203 3.29 10.08 -2.87
N GLY A 204 2.63 9.03 -2.34
CA GLY A 204 1.18 8.99 -2.32
C GLY A 204 0.61 8.26 -3.57
N SER A 205 -0.72 8.11 -3.64
CA SER A 205 -1.36 7.52 -4.80
C SER A 205 -1.78 8.55 -5.80
N GLY A 206 -2.12 8.11 -7.02
CA GLY A 206 -2.61 9.02 -7.98
C GLY A 206 -2.48 8.49 -9.36
N ALA A 207 -2.74 9.37 -10.33
CA ALA A 207 -2.92 8.99 -11.72
C ALA A 207 -1.82 9.54 -12.58
N PHE A 208 -1.30 8.67 -13.44
CA PHE A 208 -0.26 9.01 -14.44
C PHE A 208 -0.83 10.03 -15.41
N PRO A 209 -0.23 11.22 -15.46
CA PRO A 209 -0.83 12.24 -16.30
C PRO A 209 -0.37 12.07 -17.74
N ALA A 210 -1.18 12.46 -18.72
CA ALA A 210 -0.79 12.27 -20.12
C ALA A 210 0.54 13.00 -20.48
N TRP A 211 0.71 14.19 -19.93
CA TRP A 211 1.87 14.99 -20.19
C TRP A 211 3.12 14.52 -19.48
N GLY A 212 2.99 13.46 -18.64
CA GLY A 212 4.09 12.95 -17.84
C GLY A 212 4.94 11.92 -18.57
N ALA A 213 4.53 11.58 -19.79
CA ALA A 213 5.13 10.48 -20.57
C ALA A 213 6.41 10.85 -21.29
N ALA A 214 6.53 12.11 -21.68
CA ALA A 214 7.68 12.51 -22.47
C ALA A 214 7.98 13.97 -22.13
N ARG A 215 9.23 14.37 -22.26
CA ARG A 215 9.56 15.76 -22.23
C ARG A 215 9.05 16.52 -23.48
N THR A 216 9.06 17.85 -23.38
CA THR A 216 8.80 18.68 -24.56
C THR A 216 10.03 19.48 -24.87
N SER A 217 9.87 20.43 -25.78
CA SER A 217 11.02 21.27 -26.15
C SER A 217 11.29 22.29 -25.04
N ALA A 218 10.32 22.51 -24.14
CA ALA A 218 10.55 23.51 -23.11
C ALA A 218 11.48 22.95 -22.01
N ARG A 219 11.95 23.85 -21.13
CA ARG A 219 12.87 23.43 -20.01
C ARG A 219 11.93 23.18 -18.81
N ARG A 220 11.62 21.93 -18.53
CA ARG A 220 10.59 21.66 -17.58
C ARG A 220 11.15 21.65 -16.13
N VAL A 221 10.59 22.51 -15.27
CA VAL A 221 11.08 22.71 -13.91
C VAL A 221 9.88 22.39 -13.03
N CYS A 222 10.04 21.41 -12.11
CA CYS A 222 8.96 21.18 -11.11
C CYS A 222 9.22 21.96 -9.82
N ILE A 223 8.16 22.58 -9.30
CA ILE A 223 8.22 23.25 -8.00
C ILE A 223 7.31 22.43 -7.13
N CYS A 224 7.86 21.86 -6.06
CA CYS A 224 7.05 21.00 -5.22
C CYS A 224 7.33 21.43 -3.79
N MET A 225 6.27 21.81 -3.08
CA MET A 225 6.40 22.12 -1.66
C MET A 225 5.19 21.50 -1.00
N GLY A 226 5.44 20.85 0.14
CA GLY A 226 4.40 20.08 0.79
C GLY A 226 3.56 20.85 1.79
N ARG A 227 2.54 20.17 2.29
CA ARG A 227 1.56 20.84 3.18
C ARG A 227 2.18 21.35 4.45
N MET A 228 3.02 20.54 5.11
CA MET A 228 3.51 20.95 6.44
C MET A 228 4.43 22.11 6.26
N VAL A 229 5.30 22.04 5.22
CA VAL A 229 6.18 23.21 4.98
C VAL A 229 5.36 24.49 4.74
N LEU A 230 4.38 24.45 3.86
CA LEU A 230 3.62 25.67 3.45
C LEU A 230 2.69 26.15 4.59
N ASN A 231 2.22 25.21 5.39
CA ASN A 231 1.47 25.57 6.64
C ASN A 231 2.32 26.42 7.59
N ALA A 232 3.61 26.05 7.71
CA ALA A 232 4.54 26.81 8.46
C ALA A 232 4.99 28.16 7.86
N THR A 233 5.43 28.13 6.59
CA THR A 233 6.01 29.26 5.92
C THR A 233 5.03 30.32 5.40
N GLY A 234 3.79 29.93 5.12
CA GLY A 234 2.89 30.76 4.31
C GLY A 234 3.32 30.71 2.83
N PRO A 235 2.74 31.55 1.96
CA PRO A 235 2.97 31.43 0.51
C PRO A 235 4.38 31.77 0.02
N ALA A 236 5.18 32.52 0.80
CA ALA A 236 6.38 33.13 0.23
C ALA A 236 7.31 32.20 -0.61
N PRO A 237 7.78 31.07 -0.06
CA PRO A 237 8.71 30.26 -0.87
C PRO A 237 8.11 29.77 -2.19
N LEU A 238 6.81 29.47 -2.18
CA LEU A 238 6.09 29.11 -3.37
C LEU A 238 6.02 30.27 -4.35
N LEU A 239 5.59 31.45 -3.88
CA LEU A 239 5.50 32.56 -4.81
C LEU A 239 6.87 32.94 -5.38
N ARG A 240 7.90 32.92 -4.53
CA ARG A 240 9.27 33.26 -4.97
C ARG A 240 9.68 32.27 -6.04
N ALA A 241 9.42 30.98 -5.81
CA ALA A 241 9.83 29.96 -6.85
C ALA A 241 9.09 30.10 -8.13
N VAL A 242 7.78 30.33 -8.06
CA VAL A 242 6.94 30.48 -9.30
C VAL A 242 7.42 31.70 -10.08
N ALA A 243 7.73 32.81 -9.37
CA ALA A 243 8.23 34.02 -10.08
C ALA A 243 9.58 33.85 -10.70
N ALA A 244 10.52 33.20 -9.98
CA ALA A 244 11.83 33.02 -10.59
C ALA A 244 11.76 32.08 -11.83
N ALA A 245 11.00 31.01 -11.69
CA ALA A 245 10.99 29.95 -12.72
C ALA A 245 10.25 30.46 -13.97
N THR A 246 9.12 31.11 -13.79
CA THR A 246 8.30 31.44 -14.97
C THR A 246 8.87 32.62 -15.78
N GLU A 247 9.66 33.45 -15.15
CA GLU A 247 10.34 34.54 -15.83
C GLU A 247 11.53 34.17 -16.70
N LEU A 248 12.09 32.98 -16.50
CA LEU A 248 13.25 32.56 -17.22
C LEU A 248 12.93 32.04 -18.60
N PRO A 249 13.75 32.48 -19.63
CA PRO A 249 13.43 32.11 -21.00
C PRO A 249 13.41 30.63 -21.01
N GLY A 250 12.39 30.08 -21.67
CA GLY A 250 12.46 28.67 -22.02
C GLY A 250 11.72 27.75 -21.06
N VAL A 251 11.43 28.25 -19.87
CA VAL A 251 10.94 27.35 -18.81
C VAL A 251 9.46 27.02 -18.92
N GLU A 252 9.11 25.76 -18.57
CA GLU A 252 7.74 25.38 -18.31
C GLU A 252 7.72 24.94 -16.87
N ALA A 253 6.93 25.63 -16.04
CA ALA A 253 6.84 25.26 -14.58
C ALA A 253 5.73 24.25 -14.33
N VAL A 254 6.02 23.12 -13.63
CA VAL A 254 4.97 22.19 -13.21
C VAL A 254 4.85 22.35 -11.73
N ILE A 255 3.72 22.85 -11.28
CA ILE A 255 3.59 23.22 -9.88
C ILE A 255 2.79 22.22 -9.10
N ALA A 256 3.49 21.62 -8.15
CA ALA A 256 2.92 20.55 -7.38
C ALA A 256 2.78 20.98 -5.93
N VAL A 257 1.58 21.38 -5.55
CA VAL A 257 1.37 21.82 -4.14
C VAL A 257 0.03 21.19 -3.70
N PRO A 258 -0.28 21.11 -2.39
CA PRO A 258 -1.49 20.44 -1.90
C PRO A 258 -2.74 21.24 -2.26
N PRO A 259 -3.91 20.57 -2.37
CA PRO A 259 -5.06 21.24 -2.99
C PRO A 259 -5.38 22.63 -2.33
N GLU A 260 -5.43 22.68 -1.00
CA GLU A 260 -5.81 23.97 -0.33
C GLU A 260 -4.82 25.13 -0.54
N HIS A 261 -3.67 24.81 -1.14
CA HIS A 261 -2.64 25.83 -1.35
C HIS A 261 -2.65 26.32 -2.75
N ARG A 262 -3.53 25.69 -3.57
CA ARG A 262 -3.57 25.99 -4.99
C ARG A 262 -4.19 27.36 -5.18
N ALA A 263 -4.99 27.78 -4.19
CA ALA A 263 -5.62 29.12 -4.19
C ALA A 263 -4.59 30.26 -4.11
N LEU A 264 -3.43 29.95 -3.54
CA LEU A 264 -2.34 30.95 -3.46
C LEU A 264 -1.79 31.38 -4.84
N LEU A 265 -2.09 30.60 -5.87
CA LEU A 265 -1.51 30.79 -7.18
C LEU A 265 -2.46 31.56 -8.10
N THR A 266 -2.70 32.81 -7.82
CA THR A 266 -3.49 33.61 -8.78
C THR A 266 -2.72 34.00 -10.07
N ASP A 267 -3.47 34.38 -11.10
CA ASP A 267 -2.96 34.92 -12.38
C ASP A 267 -1.81 34.12 -13.01
N LEU A 268 -1.74 32.84 -12.65
CA LEU A 268 -0.68 31.98 -13.14
C LEU A 268 -0.35 32.16 -14.63
N PRO A 269 0.95 32.36 -14.92
CA PRO A 269 1.64 32.36 -16.22
C PRO A 269 1.14 31.27 -17.14
N ASP A 270 1.13 31.51 -18.46
CA ASP A 270 0.69 30.48 -19.41
C ASP A 270 1.74 29.35 -19.50
N ASN A 271 2.99 29.64 -19.10
CA ASN A 271 4.07 28.57 -18.99
C ASN A 271 4.09 27.92 -17.58
N ALA A 272 2.89 27.75 -17.00
CA ALA A 272 2.76 27.09 -15.69
C ALA A 272 1.62 26.09 -15.76
N ARG A 273 1.86 24.84 -15.40
CA ARG A 273 0.80 23.89 -15.19
C ARG A 273 0.65 23.60 -13.70
N ILE A 274 -0.58 23.64 -13.17
CA ILE A 274 -0.80 23.14 -11.81
C ILE A 274 -1.08 21.64 -11.79
N ALA A 275 -0.14 20.81 -11.25
CA ALA A 275 -0.28 19.36 -11.20
C ALA A 275 -1.39 18.93 -10.23
N GLU A 276 -2.21 17.98 -10.66
CA GLU A 276 -3.44 17.69 -9.95
C GLU A 276 -3.33 16.57 -8.89
N SER A 277 -2.55 16.77 -7.83
CA SER A 277 -2.28 15.70 -6.79
C SER A 277 -1.63 14.46 -7.45
N VAL A 278 -0.53 14.67 -8.15
CA VAL A 278 0.06 13.65 -8.98
C VAL A 278 1.38 13.33 -8.30
N PRO A 279 1.57 12.09 -7.91
CA PRO A 279 2.85 11.69 -7.27
C PRO A 279 4.04 12.10 -8.16
N LEU A 280 5.02 12.81 -7.55
CA LEU A 280 6.13 13.30 -8.31
C LEU A 280 6.77 12.21 -9.17
N ASN A 281 6.94 11.00 -8.64
CA ASN A 281 7.71 10.00 -9.36
C ASN A 281 7.02 9.60 -10.67
N LEU A 282 5.73 9.95 -10.86
CA LEU A 282 5.09 9.62 -12.18
C LEU A 282 5.55 10.46 -13.37
N PHE A 283 6.16 11.64 -13.15
CA PHE A 283 6.54 12.50 -14.22
C PHE A 283 7.91 13.14 -14.03
N LEU A 284 8.55 12.89 -12.88
CA LEU A 284 9.74 13.68 -12.59
C LEU A 284 10.93 13.37 -13.54
N ARG A 285 10.96 12.17 -14.17
CA ARG A 285 11.95 11.89 -15.20
C ARG A 285 11.88 12.84 -16.42
N THR A 286 10.74 13.49 -16.62
CA THR A 286 10.69 14.50 -17.73
C THR A 286 11.12 15.95 -17.31
N CYS A 287 11.58 16.13 -16.10
CA CYS A 287 11.96 17.47 -15.62
C CYS A 287 13.46 17.63 -15.54
N GLU A 288 13.96 18.83 -15.79
CA GLU A 288 15.40 19.07 -15.67
C GLU A 288 15.83 19.62 -14.33
N LEU A 289 14.87 20.02 -13.48
CA LEU A 289 15.25 20.72 -12.21
C LEU A 289 14.00 20.55 -11.30
N VAL A 290 14.23 20.33 -10.00
CA VAL A 290 13.14 20.40 -9.03
C VAL A 290 13.49 21.51 -8.06
N ILE A 291 12.55 22.40 -7.80
CA ILE A 291 12.76 23.45 -6.79
C ILE A 291 11.87 23.04 -5.58
N CYS A 292 12.48 22.92 -4.42
CA CYS A 292 11.77 22.40 -3.28
C CYS A 292 12.30 22.94 -1.97
N ALA A 293 11.77 22.51 -0.83
CA ALA A 293 12.26 23.00 0.46
C ALA A 293 13.28 22.04 1.14
N GLY A 294 13.40 20.87 0.54
CA GLY A 294 14.39 19.84 1.05
C GLY A 294 13.60 18.80 1.86
N GLY A 295 12.29 18.74 1.73
CA GLY A 295 11.50 17.55 2.24
C GLY A 295 12.04 16.29 1.56
N SER A 296 12.26 15.24 2.35
CA SER A 296 12.86 14.03 1.86
C SER A 296 12.14 13.36 0.72
N GLY A 297 10.78 13.24 0.76
CA GLY A 297 10.07 12.54 -0.31
C GLY A 297 10.44 13.16 -1.65
N THR A 298 10.22 14.48 -1.71
CA THR A 298 10.54 15.17 -2.95
C THR A 298 11.98 15.07 -3.31
N ALA A 299 12.84 15.44 -2.36
CA ALA A 299 14.29 15.49 -2.62
C ALA A 299 14.92 14.14 -2.92
N PHE A 300 14.52 13.09 -2.18
CA PHE A 300 15.13 11.80 -2.49
C PHE A 300 14.59 11.16 -3.79
N THR A 301 13.35 11.48 -4.17
CA THR A 301 12.86 11.02 -5.43
C THR A 301 13.63 11.68 -6.59
N ALA A 302 13.83 12.98 -6.49
CA ALA A 302 14.59 13.67 -7.51
C ALA A 302 16.01 13.10 -7.55
N THR A 303 16.59 12.93 -6.38
CA THR A 303 17.99 12.42 -6.29
C THR A 303 18.08 11.03 -6.92
N ARG A 304 17.15 10.15 -6.56
CA ARG A 304 17.12 8.74 -7.07
C ARG A 304 17.03 8.77 -8.59
N LEU A 305 16.27 9.74 -9.12
CA LEU A 305 16.08 9.86 -10.55
C LEU A 305 17.16 10.68 -11.30
N GLY A 306 18.19 11.21 -10.58
CA GLY A 306 19.28 11.97 -11.14
C GLY A 306 18.86 13.37 -11.59
N ILE A 307 17.92 13.97 -10.84
CA ILE A 307 17.37 15.29 -11.16
C ILE A 307 17.92 16.28 -10.12
N PRO A 308 18.65 17.27 -10.57
CA PRO A 308 19.24 18.21 -9.62
C PRO A 308 18.17 19.12 -8.99
N GLN A 309 18.53 19.76 -7.87
CA GLN A 309 17.49 20.48 -7.13
C GLN A 309 18.01 21.85 -6.74
N LEU A 310 17.07 22.79 -6.70
CA LEU A 310 17.36 24.08 -6.17
C LEU A 310 16.59 24.08 -4.83
N VAL A 311 17.28 24.18 -3.72
CA VAL A 311 16.67 23.92 -2.41
C VAL A 311 16.48 25.24 -1.64
N LEU A 312 15.29 25.47 -1.10
CA LEU A 312 15.01 26.63 -0.29
C LEU A 312 14.72 26.10 1.11
N PRO A 313 15.76 25.74 1.88
CA PRO A 313 15.47 25.11 3.17
C PRO A 313 14.74 26.07 4.14
N GLN A 314 13.93 25.47 4.98
CA GLN A 314 13.10 26.20 5.96
C GLN A 314 13.28 25.86 7.42
N TYR A 315 13.30 24.57 7.74
CA TYR A 315 13.30 24.17 9.11
C TYR A 315 13.97 22.76 9.27
N PHE A 316 14.19 22.41 10.53
CA PHE A 316 14.70 21.06 10.92
C PHE A 316 15.91 20.67 10.12
N ASP A 317 15.84 19.53 9.41
CA ASP A 317 17.03 18.96 8.69
C ASP A 317 17.26 19.55 7.34
N GLN A 318 16.40 20.45 6.90
CA GLN A 318 16.52 20.94 5.51
C GLN A 318 17.76 21.71 5.15
N PHE A 319 18.30 22.42 6.10
CA PHE A 319 19.50 23.26 5.84
C PHE A 319 20.68 22.31 5.60
N ASP A 320 20.77 21.20 6.40
CA ASP A 320 21.88 20.22 6.22
C ASP A 320 21.74 19.53 4.87
N TYR A 321 20.51 19.09 4.53
CA TYR A 321 20.35 18.50 3.24
C TYR A 321 20.78 19.49 2.13
N ALA A 322 20.27 20.71 2.18
CA ALA A 322 20.58 21.67 1.13
C ALA A 322 22.08 21.95 0.98
N ARG A 323 22.75 22.20 2.10
CA ARG A 323 24.21 22.47 2.08
C ARG A 323 24.93 21.26 1.49
N ASN A 324 24.55 20.07 1.93
CA ASN A 324 25.34 18.91 1.55
C ASN A 324 25.05 18.51 0.10
N LEU A 325 23.83 18.73 -0.36
CA LEU A 325 23.52 18.48 -1.78
C LEU A 325 24.33 19.42 -2.63
N ALA A 326 24.39 20.68 -2.24
CA ALA A 326 25.15 21.65 -3.07
C ALA A 326 26.67 21.29 -3.02
N ALA A 327 27.17 20.86 -1.88
CA ALA A 327 28.63 20.51 -1.82
C ALA A 327 28.89 19.36 -2.77
N ALA A 328 27.90 18.49 -2.92
CA ALA A 328 27.98 17.35 -3.87
C ALA A 328 27.92 17.71 -5.33
N GLY A 329 27.61 18.98 -5.63
CA GLY A 329 27.46 19.49 -6.98
C GLY A 329 26.11 19.25 -7.65
N ALA A 330 25.14 18.68 -6.87
CA ALA A 330 23.91 18.14 -7.42
C ALA A 330 22.76 19.12 -7.28
N GLY A 331 23.09 20.31 -6.89
CA GLY A 331 22.00 21.32 -6.82
C GLY A 331 22.56 22.61 -6.30
N ILE A 332 21.63 23.58 -6.10
CA ILE A 332 22.08 24.88 -5.46
C ILE A 332 21.26 25.10 -4.25
N CYS A 333 21.87 25.67 -3.21
CA CYS A 333 21.14 25.98 -1.98
C CYS A 333 20.92 27.52 -1.87
N LEU A 334 19.69 27.96 -1.68
CA LEU A 334 19.49 29.37 -1.21
C LEU A 334 19.27 29.40 0.31
N PRO A 335 20.30 29.82 1.08
CA PRO A 335 20.39 29.23 2.45
C PRO A 335 19.58 29.99 3.51
N ASP A 336 19.07 31.14 3.17
CA ASP A 336 18.42 32.01 4.20
C ASP A 336 17.44 32.95 3.44
N GLU A 337 16.74 33.82 4.20
CA GLU A 337 15.65 34.53 3.59
C GLU A 337 16.20 35.60 2.61
N GLN A 338 17.39 36.15 2.89
CA GLN A 338 17.90 37.17 1.94
C GLN A 338 18.22 36.54 0.57
N ALA A 339 18.72 35.31 0.58
CA ALA A 339 18.92 34.58 -0.70
C ALA A 339 17.63 34.17 -1.38
N GLN A 340 16.68 33.60 -0.63
CA GLN A 340 15.43 33.06 -1.18
C GLN A 340 14.57 34.25 -1.75
N SER A 341 14.73 35.44 -1.15
CA SER A 341 13.87 36.58 -1.53
C SER A 341 14.64 37.46 -2.58
N ASP A 342 15.78 37.00 -3.05
CA ASP A 342 16.64 37.76 -4.03
C ASP A 342 16.21 37.18 -5.39
N HIS A 343 15.29 37.88 -6.06
CA HIS A 343 14.72 37.35 -7.27
C HIS A 343 15.76 37.17 -8.33
N GLU A 344 16.70 38.14 -8.41
CA GLU A 344 17.78 37.99 -9.41
C GLU A 344 18.71 36.74 -9.20
N GLN A 345 19.12 36.56 -7.97
CA GLN A 345 19.97 35.43 -7.59
C GLN A 345 19.19 34.11 -7.81
N PHE A 346 17.91 34.12 -7.46
CA PHE A 346 17.01 32.92 -7.65
C PHE A 346 16.88 32.53 -9.14
N THR A 347 16.53 33.52 -9.98
CA THR A 347 16.51 33.30 -11.42
C THR A 347 17.86 32.86 -11.96
N ASP A 348 18.97 33.54 -11.63
CA ASP A 348 20.26 33.16 -12.11
C ASP A 348 20.66 31.72 -11.66
N SER A 349 20.20 31.33 -10.50
CA SER A 349 20.50 29.94 -10.02
C SER A 349 19.74 28.91 -10.87
N ILE A 350 18.47 29.17 -11.24
CA ILE A 350 17.79 28.22 -12.14
C ILE A 350 18.56 28.12 -13.50
N ALA A 351 18.89 29.27 -14.07
CA ALA A 351 19.67 29.35 -15.32
C ALA A 351 20.98 28.54 -15.23
N THR A 352 21.68 28.64 -14.11
CA THR A 352 22.96 28.04 -13.93
C THR A 352 22.81 26.50 -14.06
N VAL A 353 21.85 25.96 -13.32
CA VAL A 353 21.56 24.54 -13.42
C VAL A 353 21.11 24.09 -14.85
N LEU A 354 20.26 24.85 -15.54
CA LEU A 354 19.77 24.46 -16.87
C LEU A 354 20.90 24.62 -17.90
N GLY A 355 21.95 25.37 -17.58
CA GLY A 355 23.04 25.51 -18.55
C GLY A 355 24.24 24.67 -18.28
N ASP A 356 24.19 23.80 -17.25
CA ASP A 356 25.41 22.98 -16.88
C ASP A 356 25.00 21.57 -16.49
N THR A 357 25.22 20.62 -17.42
CA THR A 357 24.85 19.22 -17.21
C THR A 357 25.63 18.58 -16.05
N GLY A 358 26.64 19.29 -15.49
CA GLY A 358 27.45 18.71 -14.39
C GLY A 358 26.52 18.56 -13.17
N PHE A 359 25.41 19.35 -13.08
CA PHE A 359 24.59 19.19 -11.85
C PHE A 359 23.83 17.86 -11.93
N ALA A 360 23.22 17.58 -13.09
CA ALA A 360 22.54 16.31 -13.27
C ALA A 360 23.56 15.18 -13.07
N ALA A 361 24.78 15.38 -13.52
CA ALA A 361 25.79 14.24 -13.44
C ALA A 361 26.11 13.95 -12.02
N ALA A 362 26.30 15.01 -11.20
CA ALA A 362 26.58 14.89 -9.76
C ALA A 362 25.34 14.25 -9.09
N ALA A 363 24.12 14.56 -9.59
CA ALA A 363 22.91 13.95 -9.01
C ALA A 363 22.85 12.47 -9.33
N ILE A 364 23.34 12.05 -10.53
CA ILE A 364 23.36 10.65 -10.81
C ILE A 364 24.43 9.98 -9.89
N LYS A 365 25.53 10.65 -9.60
CA LYS A 365 26.51 9.99 -8.63
C LYS A 365 25.84 9.66 -7.29
N LEU A 366 24.95 10.55 -6.84
CA LEU A 366 24.26 10.32 -5.57
C LEU A 366 23.23 9.18 -5.80
N SER A 367 22.56 9.23 -6.97
CA SER A 367 21.61 8.12 -7.30
C SER A 367 22.32 6.78 -7.18
N ASP A 368 23.56 6.75 -7.61
CA ASP A 368 24.34 5.46 -7.45
C ASP A 368 24.60 5.02 -6.01
N GLU A 369 24.79 5.98 -5.11
CA GLU A 369 24.88 5.67 -3.67
C GLU A 369 23.60 5.02 -3.21
N ILE A 370 22.45 5.48 -3.72
CA ILE A 370 21.16 4.94 -3.33
C ILE A 370 21.01 3.51 -3.87
N THR A 371 21.35 3.31 -5.11
CA THR A 371 21.02 2.01 -5.71
C THR A 371 22.06 0.97 -5.26
N ALA A 372 23.16 1.40 -4.59
CA ALA A 372 24.14 0.42 -4.03
C ALA A 372 23.55 -0.19 -2.77
N MET A 373 22.49 0.42 -2.20
CA MET A 373 21.87 -0.11 -0.91
C MET A 373 20.90 -1.28 -1.10
N PRO A 374 20.80 -2.14 -0.08
CA PRO A 374 19.79 -3.19 -0.27
C PRO A 374 18.34 -2.66 -0.30
N HIS A 375 17.47 -3.27 -1.10
CA HIS A 375 16.08 -2.71 -1.17
C HIS A 375 15.35 -3.10 0.11
N PRO A 376 14.21 -2.48 0.38
CA PRO A 376 13.39 -2.80 1.58
C PRO A 376 13.08 -4.28 1.68
N ALA A 377 12.88 -4.91 0.54
CA ALA A 377 12.57 -6.35 0.56
C ALA A 377 13.75 -7.12 1.17
N ALA A 378 14.99 -6.72 0.81
CA ALA A 378 16.20 -7.36 1.39
C ALA A 378 16.36 -7.09 2.93
N LEU A 379 15.88 -5.96 3.41
CA LEU A 379 15.93 -5.68 4.84
C LEU A 379 15.01 -6.54 5.68
N VAL A 380 13.96 -7.09 5.07
CA VAL A 380 13.00 -7.87 5.88
C VAL A 380 13.74 -8.97 6.67
N ARG A 381 14.68 -9.66 6.02
CA ARG A 381 15.58 -10.59 6.72
C ARG A 381 16.29 -10.06 8.00
N THR A 382 16.89 -8.90 7.88
CA THR A 382 17.53 -8.25 9.00
C THR A 382 16.52 -8.06 10.14
N LEU A 383 15.34 -7.52 9.78
CA LEU A 383 14.33 -7.34 10.83
C LEU A 383 13.92 -8.65 11.50
N GLU A 384 13.78 -9.72 10.70
CA GLU A 384 13.38 -11.08 11.17
C GLU A 384 14.39 -11.47 12.26
N ASN A 385 15.67 -11.10 12.04
CA ASN A 385 16.76 -11.50 12.96
C ASN A 385 16.86 -10.68 14.20
N THR A 386 16.16 -9.54 14.21
CA THR A 386 16.23 -8.57 15.30
C THR A 386 14.97 -8.72 16.20
N ALA A 387 13.82 -9.12 15.62
CA ALA A 387 12.49 -9.18 16.33
C ALA A 387 12.49 -10.18 17.51
N MET B 2 12.18 -4.09 -13.85
CA MET B 2 10.95 -4.30 -14.65
C MET B 2 9.96 -3.13 -14.54
N ARG B 3 9.20 -2.95 -15.61
CA ARG B 3 8.05 -2.00 -15.65
C ARG B 3 6.78 -2.85 -15.84
N VAL B 4 6.00 -2.98 -14.76
CA VAL B 4 4.89 -3.94 -14.74
C VAL B 4 3.58 -3.19 -14.92
N LEU B 5 2.89 -3.44 -16.03
CA LEU B 5 1.57 -2.82 -16.20
C LEU B 5 0.59 -3.89 -15.75
N VAL B 6 -0.36 -3.50 -14.91
CA VAL B 6 -1.23 -4.50 -14.28
C VAL B 6 -2.58 -4.32 -14.90
N VAL B 7 -3.16 -5.43 -15.39
CA VAL B 7 -4.47 -5.40 -16.07
C VAL B 7 -5.48 -6.32 -15.35
N PRO B 8 -6.26 -5.74 -14.43
CA PRO B 8 -7.24 -6.55 -13.68
C PRO B 8 -8.57 -6.49 -14.42
N LEU B 9 -9.48 -7.40 -14.12
CA LEU B 9 -10.88 -7.20 -14.43
C LEU B 9 -11.44 -6.00 -13.64
N PRO B 10 -12.49 -5.32 -14.13
CA PRO B 10 -12.90 -4.08 -13.45
C PRO B 10 -13.74 -4.27 -12.21
N TYR B 11 -13.24 -5.12 -11.30
CA TYR B 11 -13.90 -5.40 -10.03
C TYR B 11 -12.86 -5.27 -8.93
N PRO B 12 -13.15 -4.43 -7.95
CA PRO B 12 -12.27 -4.18 -6.77
C PRO B 12 -11.67 -5.43 -6.18
N THR B 13 -12.48 -6.46 -6.00
CA THR B 13 -11.91 -7.65 -5.40
C THR B 13 -10.82 -8.40 -6.23
N HIS B 14 -10.92 -8.36 -7.56
CA HIS B 14 -9.85 -8.91 -8.42
C HIS B 14 -8.54 -8.14 -8.31
N LEU B 15 -8.63 -6.83 -8.21
CA LEU B 15 -7.41 -6.03 -8.02
C LEU B 15 -6.82 -6.25 -6.63
N MET B 16 -7.69 -6.35 -5.60
CA MET B 16 -7.18 -6.57 -4.25
C MET B 16 -6.36 -7.83 -4.10
N ALA B 17 -6.72 -8.87 -4.89
CA ALA B 17 -6.01 -10.15 -4.88
C ALA B 17 -4.57 -10.01 -5.37
N MET B 18 -4.35 -8.94 -6.16
CA MET B 18 -3.03 -8.66 -6.75
C MET B 18 -2.21 -7.61 -5.94
N VAL B 19 -2.82 -7.01 -4.92
CA VAL B 19 -2.16 -5.89 -4.21
C VAL B 19 -0.86 -6.29 -3.54
N PRO B 20 -0.87 -7.34 -2.74
CA PRO B 20 0.42 -7.66 -2.13
C PRO B 20 1.56 -7.94 -3.13
N LEU B 21 1.32 -8.61 -4.25
CA LEU B 21 2.38 -8.72 -5.26
C LEU B 21 2.81 -7.38 -5.84
N CYS B 22 1.85 -6.50 -6.05
CA CYS B 22 2.21 -5.14 -6.56
C CYS B 22 3.12 -4.43 -5.55
N TRP B 23 2.81 -4.59 -4.26
CA TRP B 23 3.67 -4.04 -3.22
C TRP B 23 4.99 -4.71 -3.21
N ALA B 24 4.97 -6.06 -3.38
CA ALA B 24 6.28 -6.82 -3.30
C ALA B 24 7.17 -6.28 -4.45
N LEU B 25 6.57 -6.07 -5.63
CA LEU B 25 7.31 -5.51 -6.82
C LEU B 25 7.89 -4.15 -6.51
N GLN B 26 7.07 -3.28 -5.93
CA GLN B 26 7.60 -1.95 -5.58
C GLN B 26 8.65 -1.93 -4.45
N ALA B 27 8.46 -2.74 -3.41
CA ALA B 27 9.49 -2.90 -2.36
C ALA B 27 10.81 -3.49 -2.82
N SER B 28 10.82 -4.10 -4.01
CA SER B 28 12.02 -4.73 -4.50
C SER B 28 12.56 -3.91 -5.67
N GLY B 29 12.05 -2.69 -5.80
CA GLY B 29 12.60 -1.65 -6.73
C GLY B 29 12.13 -1.66 -8.17
N HIS B 30 11.00 -2.31 -8.45
CA HIS B 30 10.43 -2.34 -9.79
C HIS B 30 9.35 -1.33 -9.87
N GLU B 31 8.91 -0.99 -11.08
CA GLU B 31 7.84 0.01 -11.18
C GLU B 31 6.54 -0.63 -11.55
N VAL B 32 5.44 -0.09 -11.01
CA VAL B 32 4.11 -0.79 -11.20
C VAL B 32 3.09 0.25 -11.57
N LEU B 33 2.25 -0.01 -12.57
CA LEU B 33 1.13 0.90 -12.89
C LEU B 33 -0.13 0.05 -13.12
N ILE B 34 -1.27 0.45 -12.52
CA ILE B 34 -2.53 -0.30 -12.70
C ILE B 34 -3.33 0.38 -13.82
N ALA B 35 -3.67 -0.36 -14.88
CA ALA B 35 -4.62 0.09 -15.88
C ALA B 35 -5.99 0.04 -15.17
N ALA B 36 -6.58 1.19 -14.88
CA ALA B 36 -7.74 1.22 -14.03
C ALA B 36 -8.89 1.99 -14.66
N PRO B 37 -9.98 1.25 -14.96
CA PRO B 37 -11.24 1.95 -15.28
C PRO B 37 -11.76 2.71 -14.04
N PRO B 38 -12.65 3.68 -14.22
CA PRO B 38 -13.35 4.33 -13.05
C PRO B 38 -13.72 3.42 -11.85
N GLU B 39 -14.17 2.17 -12.06
CA GLU B 39 -14.63 1.28 -10.97
C GLU B 39 -13.46 0.79 -10.10
N LEU B 40 -12.24 0.95 -10.60
CA LEU B 40 -11.05 0.43 -9.91
C LEU B 40 -10.27 1.56 -9.29
N GLN B 41 -10.52 2.78 -9.72
CA GLN B 41 -9.64 3.86 -9.27
C GLN B 41 -9.48 3.99 -7.70
N ALA B 42 -10.59 3.92 -6.98
CA ALA B 42 -10.54 4.17 -5.55
C ALA B 42 -9.89 3.00 -4.84
N THR B 43 -10.08 1.76 -5.35
CA THR B 43 -9.41 0.61 -4.81
C THR B 43 -7.87 0.67 -5.01
N ALA B 44 -7.43 1.05 -6.21
CA ALA B 44 -6.00 1.12 -6.51
C ALA B 44 -5.35 2.19 -5.62
N HIS B 45 -5.93 3.39 -5.64
CA HIS B 45 -5.35 4.51 -4.86
C HIS B 45 -5.46 4.26 -3.40
N GLY B 46 -6.49 3.50 -2.97
CA GLY B 46 -6.61 3.15 -1.52
C GLY B 46 -5.57 2.13 -1.03
N ALA B 47 -4.87 1.45 -1.98
CA ALA B 47 -3.77 0.50 -1.66
C ALA B 47 -2.43 1.19 -1.80
N GLY B 48 -2.49 2.50 -1.94
CA GLY B 48 -1.27 3.29 -2.17
C GLY B 48 -0.66 3.13 -3.57
N LEU B 49 -1.41 2.67 -4.56
CA LEU B 49 -0.85 2.42 -5.88
C LEU B 49 -1.19 3.52 -6.88
N THR B 50 -0.49 3.49 -8.04
CA THR B 50 -0.73 4.52 -9.02
C THR B 50 -1.40 3.92 -10.24
N THR B 51 -2.23 4.75 -10.88
CA THR B 51 -3.03 4.30 -11.97
C THR B 51 -2.83 4.99 -13.35
N ALA B 52 -3.25 4.31 -14.41
CA ALA B 52 -3.50 4.97 -15.73
C ALA B 52 -4.98 4.84 -15.92
N GLY B 53 -5.64 5.97 -16.12
CA GLY B 53 -7.10 5.94 -16.14
C GLY B 53 -7.49 5.26 -17.47
N ILE B 54 -8.49 4.38 -17.45
CA ILE B 54 -9.03 3.74 -18.66
C ILE B 54 -10.47 4.21 -18.69
N ARG B 55 -11.09 4.41 -19.86
CA ARG B 55 -12.55 4.71 -19.83
C ARG B 55 -13.38 3.47 -19.43
N PHE B 71 -29.82 -15.40 -8.54
CA PHE B 71 -28.79 -15.95 -7.62
C PHE B 71 -29.50 -16.52 -6.42
N PRO B 72 -29.00 -17.60 -5.81
CA PRO B 72 -27.76 -18.25 -6.30
C PRO B 72 -28.05 -19.05 -7.62
N ASN B 73 -27.01 -19.22 -8.43
CA ASN B 73 -27.11 -20.07 -9.64
C ASN B 73 -26.07 -21.16 -9.66
N PRO B 74 -26.42 -22.30 -9.11
CA PRO B 74 -25.54 -23.50 -9.07
C PRO B 74 -25.05 -23.93 -10.45
N ALA B 75 -25.59 -23.44 -11.53
CA ALA B 75 -25.08 -23.93 -12.85
C ALA B 75 -23.63 -23.45 -12.99
N PHE B 76 -23.22 -22.38 -12.28
CA PHE B 76 -21.83 -21.94 -12.46
C PHE B 76 -20.85 -23.00 -11.98
N GLY B 77 -21.31 -23.82 -11.07
CA GLY B 77 -20.47 -24.90 -10.54
C GLY B 77 -20.65 -26.19 -11.26
N GLN B 78 -21.32 -26.14 -12.41
CA GLN B 78 -21.62 -27.38 -13.15
C GLN B 78 -21.35 -27.15 -14.61
N ARG B 79 -20.07 -27.09 -14.95
CA ARG B 79 -19.74 -26.77 -16.33
C ARG B 79 -20.04 -27.92 -17.32
N ASP B 80 -20.42 -29.08 -16.80
CA ASP B 80 -20.85 -30.21 -17.65
C ASP B 80 -22.30 -30.05 -18.12
N THR B 81 -23.04 -29.11 -17.51
CA THR B 81 -24.46 -28.96 -17.85
C THR B 81 -24.67 -27.97 -18.97
N GLU B 82 -25.82 -28.04 -19.62
CA GLU B 82 -26.12 -27.07 -20.74
C GLU B 82 -25.99 -25.63 -20.17
N ALA B 83 -26.67 -25.41 -19.03
CA ALA B 83 -26.62 -24.05 -18.41
C ALA B 83 -25.26 -23.65 -17.98
N GLY B 84 -24.48 -24.58 -17.42
CA GLY B 84 -23.16 -24.25 -16.85
C GLY B 84 -22.19 -23.87 -17.97
N ARG B 85 -22.24 -24.65 -19.04
CA ARG B 85 -21.42 -24.34 -20.21
C ARG B 85 -21.81 -22.98 -20.81
N GLN B 86 -23.10 -22.73 -20.93
CA GLN B 86 -23.54 -21.46 -21.51
C GLN B 86 -23.12 -20.22 -20.60
N LEU B 87 -23.27 -20.31 -19.26
CA LEU B 87 -22.81 -19.20 -18.34
C LEU B 87 -21.33 -18.85 -18.58
N TRP B 88 -20.47 -19.85 -18.66
CA TRP B 88 -19.09 -19.54 -18.74
C TRP B 88 -18.71 -19.12 -20.15
N GLU B 89 -19.33 -19.73 -21.16
CA GLU B 89 -19.17 -19.18 -22.55
C GLU B 89 -19.63 -17.66 -22.64
N GLN B 90 -20.78 -17.36 -22.05
CA GLN B 90 -21.27 -15.99 -22.13
C GLN B 90 -20.33 -15.02 -21.42
N THR B 91 -19.76 -15.46 -20.29
CA THR B 91 -18.78 -14.62 -19.56
C THR B 91 -17.56 -14.36 -20.49
N ALA B 92 -17.04 -15.40 -21.18
CA ALA B 92 -15.91 -15.19 -22.10
C ALA B 92 -16.31 -14.25 -23.23
N SER B 93 -17.49 -14.49 -23.82
CA SER B 93 -18.03 -13.54 -24.87
C SER B 93 -18.02 -12.07 -24.39
N ASN B 94 -18.50 -11.85 -23.17
CA ASN B 94 -18.57 -10.50 -22.60
C ASN B 94 -17.18 -9.86 -22.52
N VAL B 95 -16.24 -10.60 -21.96
CA VAL B 95 -14.92 -10.13 -21.77
C VAL B 95 -14.21 -9.94 -23.11
N ALA B 96 -14.43 -10.90 -24.05
CA ALA B 96 -13.80 -10.77 -25.40
C ALA B 96 -14.38 -9.53 -26.11
N GLN B 97 -15.68 -9.28 -26.03
CA GLN B 97 -16.28 -8.08 -26.73
C GLN B 97 -15.69 -6.80 -26.13
N SER B 98 -15.71 -6.72 -24.80
CA SER B 98 -15.06 -5.61 -24.10
C SER B 98 -13.54 -5.45 -24.42
N SER B 99 -12.79 -6.56 -24.62
CA SER B 99 -11.39 -6.42 -24.92
C SER B 99 -11.17 -5.87 -26.32
N LEU B 100 -11.96 -6.31 -27.26
CA LEU B 100 -11.86 -5.73 -28.60
C LEU B 100 -12.20 -4.23 -28.59
N ASP B 101 -13.26 -3.89 -27.88
CA ASP B 101 -13.78 -2.46 -27.83
C ASP B 101 -12.66 -1.53 -27.31
N GLN B 102 -11.93 -2.01 -26.28
CA GLN B 102 -10.97 -1.17 -25.58
C GLN B 102 -9.56 -1.33 -25.98
N LEU B 103 -9.29 -2.23 -26.94
CA LEU B 103 -7.96 -2.53 -27.37
C LEU B 103 -7.19 -1.27 -27.85
N PRO B 104 -7.89 -0.31 -28.54
CA PRO B 104 -7.03 0.81 -28.96
C PRO B 104 -6.57 1.76 -27.81
N GLU B 105 -7.41 1.92 -26.81
CA GLU B 105 -7.01 2.60 -25.58
C GLU B 105 -5.83 1.99 -24.78
N TYR B 106 -5.84 0.66 -24.55
CA TYR B 106 -4.74 -0.01 -23.93
C TYR B 106 -3.47 0.05 -24.82
N LEU B 107 -3.61 0.02 -26.14
CA LEU B 107 -2.39 0.04 -27.00
C LEU B 107 -1.68 1.40 -26.84
N ARG B 108 -2.46 2.47 -26.80
CA ARG B 108 -1.92 3.84 -26.52
C ARG B 108 -1.25 3.98 -25.16
N LEU B 109 -1.89 3.40 -24.14
CA LEU B 109 -1.18 3.28 -22.84
C LEU B 109 0.14 2.58 -22.84
N ALA B 110 0.26 1.41 -23.48
CA ALA B 110 1.47 0.63 -23.55
C ALA B 110 2.56 1.42 -24.35
N GLU B 111 2.12 2.25 -25.28
CA GLU B 111 3.08 3.10 -26.03
C GLU B 111 3.52 4.28 -25.18
N ALA B 112 2.61 4.83 -24.41
CA ALA B 112 2.97 5.95 -23.57
C ALA B 112 3.88 5.47 -22.47
N TRP B 113 3.54 4.35 -21.79
CA TRP B 113 4.31 3.95 -20.58
C TRP B 113 5.39 2.92 -20.77
N ARG B 114 5.30 2.16 -21.85
CA ARG B 114 6.32 1.16 -22.18
C ARG B 114 6.62 0.11 -21.13
N PRO B 115 5.62 -0.75 -20.86
CA PRO B 115 5.88 -1.80 -19.89
C PRO B 115 6.78 -2.83 -20.44
N SER B 116 7.46 -3.51 -19.56
CA SER B 116 8.30 -4.68 -19.91
C SER B 116 7.60 -6.00 -19.67
N VAL B 117 6.55 -5.98 -18.83
CA VAL B 117 5.82 -7.24 -18.49
C VAL B 117 4.38 -6.83 -18.14
N LEU B 118 3.40 -7.70 -18.40
CA LEU B 118 1.96 -7.47 -18.13
C LEU B 118 1.56 -8.47 -17.04
N LEU B 119 1.03 -7.93 -15.93
CA LEU B 119 0.56 -8.84 -14.87
C LEU B 119 -0.96 -8.75 -14.98
N VAL B 120 -1.58 -9.88 -15.35
CA VAL B 120 -2.92 -9.82 -15.92
C VAL B 120 -3.84 -10.80 -15.16
N ASP B 121 -5.05 -10.35 -14.80
CA ASP B 121 -6.00 -11.22 -14.11
C ASP B 121 -6.37 -12.37 -15.08
N VAL B 122 -6.40 -13.65 -14.63
CA VAL B 122 -6.75 -14.76 -15.48
C VAL B 122 -7.94 -14.55 -16.42
N CYS B 123 -8.92 -13.77 -15.94
CA CYS B 123 -10.12 -13.52 -16.72
C CYS B 123 -10.04 -12.28 -17.66
N ALA B 124 -9.04 -11.43 -17.50
CA ALA B 124 -8.97 -10.11 -18.24
C ALA B 124 -8.24 -10.38 -19.55
N LEU B 125 -9.00 -10.89 -20.52
CA LEU B 125 -8.44 -11.40 -21.76
C LEU B 125 -7.72 -10.27 -22.54
N ILE B 126 -8.14 -9.03 -22.39
CA ILE B 126 -7.42 -7.90 -23.04
C ILE B 126 -5.92 -8.05 -22.80
N GLY B 127 -5.50 -8.49 -21.59
CA GLY B 127 -4.03 -8.59 -21.25
C GLY B 127 -3.28 -9.55 -22.18
N ARG B 128 -3.90 -10.72 -22.47
CA ARG B 128 -3.32 -11.74 -23.34
C ARG B 128 -3.23 -11.23 -24.77
N VAL B 129 -4.30 -10.55 -25.23
CA VAL B 129 -4.36 -9.94 -26.60
C VAL B 129 -3.18 -8.93 -26.69
N LEU B 130 -3.11 -8.03 -25.70
CA LEU B 130 -2.10 -7.00 -25.65
C LEU B 130 -0.67 -7.51 -25.63
N GLY B 131 -0.39 -8.58 -24.86
CA GLY B 131 0.89 -9.24 -24.78
C GLY B 131 1.29 -9.79 -26.15
N GLY B 132 0.33 -10.45 -26.79
CA GLY B 132 0.56 -11.02 -28.15
C GLY B 132 0.88 -9.92 -29.18
N LEU B 133 0.07 -8.84 -29.19
CA LEU B 133 0.20 -7.73 -30.14
C LEU B 133 1.44 -6.90 -29.90
N LEU B 134 2.04 -7.01 -28.70
CA LEU B 134 3.21 -6.18 -28.38
C LEU B 134 4.46 -6.92 -28.11
N ASP B 135 4.37 -8.23 -28.32
CA ASP B 135 5.42 -9.18 -27.97
C ASP B 135 6.00 -8.91 -26.57
N LEU B 136 5.10 -8.87 -25.59
CA LEU B 136 5.48 -8.75 -24.18
C LEU B 136 5.05 -9.98 -23.43
N PRO B 137 5.88 -10.44 -22.48
CA PRO B 137 5.54 -11.59 -21.62
C PRO B 137 4.33 -11.22 -20.75
N VAL B 138 3.49 -12.23 -20.50
CA VAL B 138 2.23 -12.00 -19.74
C VAL B 138 2.35 -12.98 -18.60
N VAL B 139 2.17 -12.48 -17.36
CA VAL B 139 2.10 -13.30 -16.13
C VAL B 139 0.62 -13.24 -15.72
N LEU B 140 -0.12 -14.37 -15.84
CA LEU B 140 -1.52 -14.36 -15.41
C LEU B 140 -1.51 -14.57 -13.91
N HIS B 141 -2.57 -14.05 -13.29
CA HIS B 141 -2.74 -14.15 -11.87
C HIS B 141 -4.11 -14.65 -11.54
N ARG B 142 -4.18 -15.80 -10.89
CA ARG B 142 -5.48 -16.36 -10.41
C ARG B 142 -5.80 -15.63 -9.09
N TRP B 143 -7.08 -15.41 -8.82
CA TRP B 143 -7.42 -14.80 -7.55
C TRP B 143 -7.79 -15.84 -6.53
N GLY B 144 -8.02 -17.05 -7.02
CA GLY B 144 -8.40 -18.12 -6.12
C GLY B 144 -8.75 -19.34 -6.95
N VAL B 145 -9.91 -19.97 -6.68
CA VAL B 145 -10.39 -21.10 -7.51
C VAL B 145 -10.62 -20.61 -8.96
N ASP B 146 -10.11 -21.40 -9.91
CA ASP B 146 -10.10 -21.01 -11.32
C ASP B 146 -10.84 -22.07 -12.16
N PRO B 147 -12.16 -21.84 -12.47
CA PRO B 147 -12.97 -22.76 -13.24
C PRO B 147 -13.04 -22.31 -14.73
N THR B 148 -12.00 -21.64 -15.25
CA THR B 148 -12.09 -21.17 -16.64
C THR B 148 -11.71 -22.25 -17.69
N ALA B 149 -11.17 -23.42 -17.30
CA ALA B 149 -10.95 -24.44 -18.30
C ALA B 149 -12.25 -24.89 -18.97
N GLY B 150 -12.14 -25.36 -20.21
CA GLY B 150 -13.34 -25.82 -20.87
C GLY B 150 -14.09 -24.63 -21.46
N PRO B 151 -15.35 -24.42 -21.06
CA PRO B 151 -16.28 -23.36 -21.65
C PRO B 151 -15.64 -21.97 -21.82
N PHE B 152 -15.11 -21.37 -20.73
CA PHE B 152 -14.54 -20.00 -20.82
C PHE B 152 -13.34 -19.97 -21.78
N SER B 153 -12.39 -20.85 -21.53
CA SER B 153 -11.17 -20.83 -22.33
C SER B 153 -11.44 -21.15 -23.83
N ASP B 154 -12.23 -22.19 -24.10
CA ASP B 154 -12.58 -22.54 -25.47
C ASP B 154 -13.23 -21.36 -26.19
N ARG B 155 -14.15 -20.67 -25.50
CA ARG B 155 -14.86 -19.55 -26.11
C ARG B 155 -13.97 -18.34 -26.31
N ALA B 156 -13.05 -18.12 -25.41
CA ALA B 156 -12.07 -17.02 -25.53
C ALA B 156 -11.22 -17.29 -26.78
N HIS B 157 -10.79 -18.52 -26.96
CA HIS B 157 -10.03 -18.78 -28.21
C HIS B 157 -10.91 -18.64 -29.42
N GLU B 158 -12.13 -19.14 -29.38
CA GLU B 158 -13.02 -19.08 -30.55
C GLU B 158 -13.21 -17.63 -31.02
N LEU B 159 -13.25 -16.72 -30.06
CA LEU B 159 -13.57 -15.34 -30.37
C LEU B 159 -12.35 -14.46 -30.57
N LEU B 160 -11.22 -14.82 -29.92
CA LEU B 160 -10.00 -13.94 -29.93
C LEU B 160 -8.84 -14.49 -30.83
N ASP B 161 -8.84 -15.77 -31.14
CA ASP B 161 -7.84 -16.29 -32.09
C ASP B 161 -7.83 -15.47 -33.41
N PRO B 162 -9.01 -14.98 -33.89
CA PRO B 162 -8.98 -14.30 -35.21
C PRO B 162 -8.23 -13.01 -35.23
N VAL B 163 -8.47 -12.14 -34.23
CA VAL B 163 -7.78 -10.85 -34.20
C VAL B 163 -6.30 -11.17 -34.03
N CYS B 164 -5.97 -12.20 -33.22
CA CYS B 164 -4.55 -12.47 -33.00
C CYS B 164 -3.94 -12.95 -34.33
N ARG B 165 -4.70 -13.80 -35.05
CA ARG B 165 -4.13 -14.35 -36.31
C ARG B 165 -3.98 -13.27 -37.34
N HIS B 166 -4.94 -12.33 -37.39
CA HIS B 166 -4.76 -11.10 -38.22
C HIS B 166 -3.44 -10.40 -38.00
N HIS B 167 -2.98 -10.43 -36.74
CA HIS B 167 -1.70 -9.79 -36.41
C HIS B 167 -0.51 -10.66 -36.61
N GLY B 168 -0.73 -11.83 -37.19
CA GLY B 168 0.37 -12.71 -37.48
C GLY B 168 0.67 -13.75 -36.42
N LEU B 169 -0.13 -13.85 -35.33
CA LEU B 169 0.15 -14.89 -34.35
C LEU B 169 -0.56 -16.20 -34.72
N THR B 170 -0.29 -17.29 -34.01
CA THR B 170 -0.99 -18.53 -34.29
C THR B 170 -2.38 -18.48 -33.71
N GLY B 171 -2.60 -17.54 -32.77
CA GLY B 171 -3.83 -17.50 -31.98
C GLY B 171 -3.65 -16.73 -30.68
N LEU B 172 -4.66 -16.74 -29.81
CA LEU B 172 -4.45 -16.08 -28.45
C LEU B 172 -3.34 -16.79 -27.75
N PRO B 173 -2.28 -16.07 -27.32
CA PRO B 173 -1.09 -16.86 -26.90
C PRO B 173 -1.26 -17.55 -25.52
N THR B 174 -0.47 -18.59 -25.31
CA THR B 174 -0.32 -19.20 -23.97
C THR B 174 0.48 -18.21 -23.12
N PRO B 175 0.10 -18.01 -21.83
CA PRO B 175 0.94 -17.01 -21.11
C PRO B 175 2.29 -17.59 -20.63
N GLU B 176 3.22 -16.71 -20.27
CA GLU B 176 4.54 -17.14 -19.83
C GLU B 176 4.48 -17.87 -18.48
N LEU B 177 3.53 -17.52 -17.60
CA LEU B 177 3.50 -18.01 -16.20
C LEU B 177 2.05 -17.74 -15.67
N ILE B 178 1.54 -18.61 -14.80
CA ILE B 178 0.24 -18.43 -14.12
C ILE B 178 0.51 -18.52 -12.60
N LEU B 179 0.36 -17.40 -11.95
CA LEU B 179 0.52 -17.37 -10.49
C LEU B 179 -0.78 -17.86 -9.87
N ASP B 180 -0.63 -18.69 -8.83
CA ASP B 180 -1.80 -19.31 -8.19
C ASP B 180 -1.74 -19.28 -6.68
N PRO B 181 -2.62 -18.45 -6.03
CA PRO B 181 -2.63 -18.35 -4.57
C PRO B 181 -3.58 -19.38 -3.98
N CYS B 182 -4.24 -20.16 -4.80
CA CYS B 182 -5.17 -21.09 -4.21
C CYS B 182 -4.43 -22.29 -3.64
N PRO B 183 -4.69 -22.64 -2.40
CA PRO B 183 -4.14 -23.92 -1.89
C PRO B 183 -4.54 -25.05 -2.86
N PRO B 184 -3.60 -25.97 -3.22
CA PRO B 184 -3.91 -27.01 -4.21
C PRO B 184 -5.10 -27.85 -3.80
N SER B 185 -5.33 -28.01 -2.50
CA SER B 185 -6.51 -28.80 -2.06
C SER B 185 -7.84 -28.22 -2.47
N LEU B 186 -7.84 -26.94 -2.73
CA LEU B 186 -9.11 -26.26 -3.00
C LEU B 186 -9.23 -25.88 -4.47
N GLN B 187 -8.20 -26.14 -5.24
CA GLN B 187 -8.17 -25.68 -6.68
C GLN B 187 -9.06 -26.58 -7.57
N ALA B 188 -9.69 -26.06 -8.63
CA ALA B 188 -10.45 -26.91 -9.58
C ALA B 188 -9.52 -27.99 -10.23
N SER B 189 -10.02 -29.21 -10.38
CA SER B 189 -9.15 -30.35 -10.88
C SER B 189 -8.67 -30.16 -12.32
N ASP B 190 -9.37 -29.34 -13.12
CA ASP B 190 -8.87 -29.02 -14.44
C ASP B 190 -8.09 -27.72 -14.70
N ALA B 191 -7.68 -26.99 -13.66
CA ALA B 191 -6.93 -25.76 -13.82
C ALA B 191 -5.50 -26.20 -14.15
N PRO B 192 -4.94 -25.73 -15.29
CA PRO B 192 -3.51 -26.04 -15.50
C PRO B 192 -2.65 -25.68 -14.33
N GLN B 193 -1.57 -26.44 -14.13
CA GLN B 193 -0.67 -26.18 -13.05
C GLN B 193 -0.06 -24.78 -13.08
N GLY B 194 -0.21 -24.02 -12.00
CA GLY B 194 0.44 -22.74 -11.93
C GLY B 194 1.68 -22.71 -11.01
N ALA B 195 2.21 -21.53 -10.81
CA ALA B 195 3.29 -21.35 -9.86
C ALA B 195 2.67 -20.88 -8.54
N PRO B 196 2.83 -21.63 -7.44
CA PRO B 196 2.17 -21.31 -6.15
C PRO B 196 2.67 -19.98 -5.59
N VAL B 197 1.72 -19.13 -5.10
CA VAL B 197 2.14 -17.96 -4.36
C VAL B 197 1.28 -17.83 -3.07
N GLN B 198 1.92 -17.62 -1.94
CA GLN B 198 1.17 -17.52 -0.67
C GLN B 198 0.17 -16.35 -0.70
N TYR B 199 -1.10 -16.68 -0.38
CA TYR B 199 -2.17 -15.68 -0.15
C TYR B 199 -1.83 -14.83 1.08
N VAL B 200 -1.77 -13.51 0.85
CA VAL B 200 -1.59 -12.57 1.86
C VAL B 200 -2.88 -11.74 2.01
N PRO B 201 -3.44 -11.70 3.23
CA PRO B 201 -4.76 -10.99 3.23
C PRO B 201 -4.68 -9.50 2.83
N TYR B 202 -5.60 -9.08 1.95
CA TYR B 202 -5.73 -7.64 1.69
C TYR B 202 -7.19 -7.43 1.42
N ASN B 203 -7.78 -6.74 2.41
CA ASN B 203 -9.17 -6.48 2.51
C ASN B 203 -9.33 -4.94 2.56
N GLY B 204 -8.33 -4.13 2.15
CA GLY B 204 -8.47 -2.66 2.29
C GLY B 204 -7.78 -2.13 3.54
N SER B 205 -7.84 -0.81 3.78
CA SER B 205 -7.29 -0.18 4.94
C SER B 205 -8.39 -0.02 6.00
N GLY B 206 -8.00 0.30 7.20
CA GLY B 206 -8.98 0.45 8.27
C GLY B 206 -8.34 0.41 9.61
N ALA B 207 -9.17 0.46 10.63
CA ALA B 207 -8.76 0.64 11.98
C ALA B 207 -9.00 -0.63 12.86
N PHE B 208 -7.94 -1.03 13.56
CA PHE B 208 -7.99 -2.17 14.50
C PHE B 208 -9.06 -1.93 15.54
N PRO B 209 -10.05 -2.85 15.65
CA PRO B 209 -11.05 -2.49 16.66
C PRO B 209 -10.60 -2.91 18.07
N ALA B 210 -11.07 -2.22 19.10
CA ALA B 210 -10.72 -2.54 20.51
C ALA B 210 -10.93 -4.04 20.81
N TRP B 211 -12.07 -4.56 20.41
CA TRP B 211 -12.47 -5.90 20.80
C TRP B 211 -11.82 -6.97 19.93
N GLY B 212 -11.01 -6.57 18.94
CA GLY B 212 -10.52 -7.57 17.91
C GLY B 212 -9.30 -8.40 18.33
N ALA B 213 -8.74 -8.02 19.48
CA ALA B 213 -7.57 -8.52 20.17
C ALA B 213 -7.88 -9.78 20.98
N ALA B 214 -9.04 -9.81 21.61
CA ALA B 214 -9.28 -10.84 22.63
C ALA B 214 -10.46 -11.70 22.26
N ARG B 215 -10.32 -13.00 22.52
CA ARG B 215 -11.41 -13.92 22.36
C ARG B 215 -12.46 -13.54 23.44
N THR B 216 -13.69 -14.05 23.26
CA THR B 216 -14.76 -13.77 24.21
C THR B 216 -15.30 -15.15 24.77
N SER B 217 -16.02 -15.14 25.89
CA SER B 217 -16.70 -16.39 26.34
C SER B 217 -17.89 -16.79 25.43
N ALA B 218 -18.44 -15.79 24.72
CA ALA B 218 -19.45 -16.09 23.67
C ALA B 218 -18.87 -16.80 22.48
N ARG B 219 -19.74 -17.36 21.62
CA ARG B 219 -19.28 -18.04 20.40
C ARG B 219 -19.34 -17.00 19.26
N ARG B 220 -18.19 -16.48 18.85
CA ARG B 220 -18.11 -15.37 17.92
C ARG B 220 -18.13 -15.82 16.48
N VAL B 221 -19.17 -15.39 15.76
CA VAL B 221 -19.43 -15.84 14.40
C VAL B 221 -19.42 -14.59 13.53
N CYS B 222 -18.54 -14.52 12.53
CA CYS B 222 -18.47 -13.35 11.69
C CYS B 222 -19.30 -13.63 10.44
N ILE B 223 -20.12 -12.64 10.02
CA ILE B 223 -20.76 -12.75 8.76
C ILE B 223 -20.17 -11.62 7.91
N CYS B 224 -19.72 -11.99 6.73
CA CYS B 224 -19.09 -10.97 5.85
C CYS B 224 -19.54 -11.27 4.45
N MET B 225 -20.40 -10.42 3.88
CA MET B 225 -21.00 -10.72 2.54
C MET B 225 -20.28 -9.81 1.53
N GLY B 226 -20.20 -8.50 1.74
CA GLY B 226 -19.45 -7.76 0.67
C GLY B 226 -20.27 -7.08 -0.45
N ARG B 227 -19.82 -5.89 -0.86
CA ARG B 227 -20.59 -4.99 -1.72
C ARG B 227 -20.97 -5.66 -3.03
N MET B 228 -20.00 -6.31 -3.66
CA MET B 228 -20.28 -6.83 -4.97
C MET B 228 -21.32 -7.95 -4.94
N VAL B 229 -21.16 -8.85 -3.97
CA VAL B 229 -22.13 -9.95 -3.88
C VAL B 229 -23.51 -9.37 -3.59
N LEU B 230 -23.60 -8.49 -2.63
CA LEU B 230 -24.94 -8.00 -2.17
C LEU B 230 -25.61 -7.10 -3.20
N ASN B 231 -24.79 -6.34 -3.94
CA ASN B 231 -25.39 -5.60 -5.09
C ASN B 231 -26.04 -6.57 -6.14
N ALA B 232 -25.49 -7.77 -6.31
CA ALA B 232 -26.01 -8.72 -7.23
C ALA B 232 -27.23 -9.49 -6.68
N THR B 233 -27.16 -9.86 -5.41
CA THR B 233 -28.18 -10.76 -4.81
C THR B 233 -29.33 -10.02 -4.13
N GLY B 234 -29.07 -8.79 -3.73
CA GLY B 234 -29.90 -8.05 -2.72
C GLY B 234 -29.72 -8.61 -1.34
N PRO B 235 -30.54 -8.20 -0.39
CA PRO B 235 -30.20 -8.42 1.02
C PRO B 235 -30.26 -9.88 1.47
N ALA B 236 -30.95 -10.75 0.74
CA ALA B 236 -31.31 -12.09 1.34
C ALA B 236 -30.12 -12.93 1.94
N PRO B 237 -28.99 -13.08 1.24
CA PRO B 237 -27.96 -13.97 1.88
C PRO B 237 -27.43 -13.37 3.16
N LEU B 238 -27.38 -12.03 3.27
CA LEU B 238 -26.96 -11.38 4.47
C LEU B 238 -27.97 -11.57 5.59
N LEU B 239 -29.25 -11.22 5.32
CA LEU B 239 -30.24 -11.31 6.40
C LEU B 239 -30.59 -12.76 6.82
N ARG B 240 -30.47 -13.72 5.90
CA ARG B 240 -30.70 -15.18 6.23
C ARG B 240 -29.51 -15.59 7.07
N ALA B 241 -28.30 -15.05 6.80
CA ALA B 241 -27.13 -15.43 7.64
C ALA B 241 -27.27 -14.83 9.08
N VAL B 242 -27.75 -13.59 9.15
CA VAL B 242 -27.91 -12.93 10.46
C VAL B 242 -29.01 -13.72 11.21
N ALA B 243 -30.12 -14.04 10.52
CA ALA B 243 -31.23 -14.78 11.26
C ALA B 243 -30.74 -16.13 11.77
N ALA B 244 -29.90 -16.79 11.00
CA ALA B 244 -29.40 -18.15 11.47
C ALA B 244 -28.45 -17.99 12.63
N ALA B 245 -27.53 -17.08 12.52
CA ALA B 245 -26.50 -16.87 13.55
C ALA B 245 -27.12 -16.36 14.88
N THR B 246 -28.04 -15.39 14.82
CA THR B 246 -28.46 -14.74 16.08
C THR B 246 -29.49 -15.67 16.80
N GLU B 247 -29.92 -16.75 16.17
CA GLU B 247 -30.89 -17.63 16.84
C GLU B 247 -30.16 -18.53 17.89
N LEU B 248 -28.92 -18.83 17.62
CA LEU B 248 -28.30 -19.91 18.44
C LEU B 248 -27.80 -19.48 19.76
N PRO B 249 -28.04 -20.32 20.81
CA PRO B 249 -27.68 -19.87 22.16
C PRO B 249 -26.19 -19.50 22.29
N GLY B 250 -25.89 -18.38 22.90
CA GLY B 250 -24.46 -18.09 23.18
C GLY B 250 -23.66 -17.50 22.05
N VAL B 251 -24.32 -17.25 20.93
CA VAL B 251 -23.59 -16.69 19.75
C VAL B 251 -23.46 -15.18 19.87
N GLU B 252 -22.30 -14.63 19.42
CA GLU B 252 -22.09 -13.19 19.30
C GLU B 252 -21.84 -13.00 17.82
N ALA B 253 -22.76 -12.31 17.13
CA ALA B 253 -22.55 -12.12 15.65
C ALA B 253 -21.77 -10.84 15.41
N VAL B 254 -20.78 -10.94 14.52
CA VAL B 254 -19.94 -9.79 14.17
C VAL B 254 -20.19 -9.64 12.71
N ILE B 255 -20.79 -8.51 12.29
CA ILE B 255 -21.37 -8.46 10.95
C ILE B 255 -20.52 -7.40 10.25
N ALA B 256 -19.86 -7.83 9.20
CA ALA B 256 -18.92 -6.94 8.45
C ALA B 256 -19.56 -6.64 7.10
N VAL B 257 -19.96 -5.39 6.91
CA VAL B 257 -20.54 -5.02 5.60
C VAL B 257 -20.12 -3.56 5.27
N PRO B 258 -20.27 -3.19 3.99
CA PRO B 258 -19.99 -1.86 3.46
C PRO B 258 -20.90 -0.87 4.23
N PRO B 259 -20.51 0.43 4.40
CA PRO B 259 -21.31 1.50 5.00
C PRO B 259 -22.76 1.51 4.51
N GLU B 260 -22.94 1.28 3.24
CA GLU B 260 -24.29 1.40 2.69
C GLU B 260 -25.19 0.23 3.06
N HIS B 261 -24.61 -0.89 3.53
CA HIS B 261 -25.42 -2.04 3.90
C HIS B 261 -25.74 -2.03 5.38
N ARG B 262 -25.14 -1.09 6.14
CA ARG B 262 -25.42 -0.92 7.56
C ARG B 262 -26.92 -0.74 7.86
N ALA B 263 -27.65 0.00 7.02
CA ALA B 263 -29.06 0.26 7.26
C ALA B 263 -29.97 -0.97 7.06
N LEU B 264 -29.45 -2.08 6.52
CA LEU B 264 -30.21 -3.35 6.35
C LEU B 264 -30.32 -4.11 7.70
N LEU B 265 -29.47 -3.69 8.64
CA LEU B 265 -29.37 -4.34 9.93
C LEU B 265 -30.27 -3.68 10.97
N THR B 266 -31.57 -3.85 10.73
CA THR B 266 -32.66 -3.24 11.52
C THR B 266 -32.98 -3.78 12.86
N ASP B 267 -32.58 -5.01 13.15
CA ASP B 267 -32.92 -5.53 14.46
C ASP B 267 -31.95 -6.65 14.79
N LEU B 268 -31.04 -6.30 15.65
CA LEU B 268 -30.01 -7.20 16.04
C LEU B 268 -30.13 -7.39 17.49
N PRO B 269 -29.64 -8.55 17.99
CA PRO B 269 -29.56 -8.61 19.44
C PRO B 269 -28.52 -7.61 20.01
N ASP B 270 -28.64 -7.35 21.31
CA ASP B 270 -27.78 -6.35 22.03
C ASP B 270 -26.30 -6.58 21.93
N ASN B 271 -25.95 -7.82 21.79
CA ASN B 271 -24.54 -8.15 21.83
C ASN B 271 -23.90 -8.23 20.45
N ALA B 272 -24.68 -8.01 19.42
CA ALA B 272 -24.12 -8.16 18.06
C ALA B 272 -23.23 -6.97 17.78
N ARG B 273 -22.22 -7.15 16.95
CA ARG B 273 -21.30 -6.01 16.64
C ARG B 273 -21.40 -5.76 15.11
N ILE B 274 -21.61 -4.50 14.71
CA ILE B 274 -21.47 -4.14 13.33
C ILE B 274 -20.05 -3.65 13.13
N ALA B 275 -19.31 -4.24 12.19
CA ALA B 275 -17.89 -3.87 11.93
C ALA B 275 -17.93 -3.24 10.57
N GLU B 276 -18.11 -1.92 10.56
CA GLU B 276 -18.19 -1.17 9.28
C GLU B 276 -16.79 -0.82 8.70
N SER B 277 -16.44 -1.23 7.48
CA SER B 277 -15.10 -0.86 6.94
C SER B 277 -13.88 -1.23 7.83
N VAL B 278 -13.94 -2.42 8.42
CA VAL B 278 -12.86 -2.98 9.25
C VAL B 278 -12.34 -4.23 8.52
N PRO B 279 -11.14 -4.16 7.97
CA PRO B 279 -10.63 -5.33 7.27
C PRO B 279 -10.70 -6.60 8.16
N LEU B 280 -11.23 -7.70 7.60
CA LEU B 280 -11.48 -8.94 8.35
C LEU B 280 -10.29 -9.39 9.13
N ASN B 281 -9.14 -9.30 8.50
CA ASN B 281 -7.95 -9.85 9.11
C ASN B 281 -7.54 -9.23 10.48
N LEU B 282 -8.09 -8.04 10.79
CA LEU B 282 -7.75 -7.37 12.05
C LEU B 282 -8.38 -8.05 13.26
N PHE B 283 -9.45 -8.85 13.06
CA PHE B 283 -10.18 -9.46 14.18
C PHE B 283 -10.56 -10.95 13.99
N LEU B 284 -10.38 -11.52 12.82
CA LEU B 284 -10.97 -12.83 12.53
C LEU B 284 -10.40 -13.98 13.40
N ARG B 285 -9.17 -13.81 13.80
CA ARG B 285 -8.57 -14.81 14.66
C ARG B 285 -9.34 -15.07 15.95
N THR B 286 -10.19 -14.12 16.38
CA THR B 286 -11.04 -14.26 17.57
C THR B 286 -12.43 -14.89 17.24
N CYS B 287 -12.65 -15.29 15.98
CA CYS B 287 -13.94 -15.89 15.56
C CYS B 287 -13.84 -17.37 15.34
N GLU B 288 -14.92 -18.05 15.57
CA GLU B 288 -14.97 -19.48 15.38
C GLU B 288 -15.57 -19.95 14.08
N LEU B 289 -16.26 -19.08 13.30
CA LEU B 289 -16.86 -19.45 12.05
C LEU B 289 -16.97 -18.14 11.27
N VAL B 290 -16.80 -18.24 9.96
CA VAL B 290 -17.11 -17.11 9.07
C VAL B 290 -18.25 -17.63 8.22
N ILE B 291 -19.26 -16.77 8.02
CA ILE B 291 -20.37 -17.08 7.04
C ILE B 291 -20.22 -16.09 5.87
N CYS B 292 -20.13 -16.61 4.67
CA CYS B 292 -19.73 -15.82 3.49
C CYS B 292 -20.25 -16.46 2.24
N ALA B 293 -19.96 -15.83 1.07
CA ALA B 293 -20.52 -16.35 -0.14
C ALA B 293 -19.45 -17.12 -0.89
N GLY B 294 -18.20 -16.99 -0.41
CA GLY B 294 -17.09 -17.82 -0.97
C GLY B 294 -16.11 -17.17 -1.93
N GLY B 295 -15.01 -17.90 -2.09
CA GLY B 295 -13.87 -17.64 -3.00
C GLY B 295 -13.01 -16.56 -2.37
N SER B 296 -12.97 -15.39 -3.00
CA SER B 296 -12.78 -14.15 -2.33
C SER B 296 -11.59 -13.88 -1.28
N GLY B 297 -11.39 -12.60 -1.05
CA GLY B 297 -10.60 -12.15 0.06
C GLY B 297 -11.12 -12.63 1.41
N THR B 298 -12.42 -12.58 1.60
CA THR B 298 -12.96 -13.06 2.90
C THR B 298 -12.60 -14.55 3.16
N ALA B 299 -12.86 -15.42 2.16
CA ALA B 299 -12.75 -16.88 2.37
C ALA B 299 -11.32 -17.27 2.49
N PHE B 300 -10.44 -16.68 1.66
CA PHE B 300 -9.02 -17.09 1.79
C PHE B 300 -8.40 -16.47 3.05
N THR B 301 -8.87 -15.30 3.51
CA THR B 301 -8.37 -14.76 4.78
C THR B 301 -8.79 -15.69 5.92
N ALA B 302 -10.06 -16.14 5.91
CA ALA B 302 -10.52 -17.13 6.90
C ALA B 302 -9.67 -18.38 6.88
N THR B 303 -9.42 -18.88 5.65
CA THR B 303 -8.67 -20.12 5.49
C THR B 303 -7.19 -19.85 5.95
N ARG B 304 -6.62 -18.72 5.55
CA ARG B 304 -5.23 -18.39 5.98
C ARG B 304 -5.13 -18.34 7.49
N LEU B 305 -6.21 -17.87 8.15
CA LEU B 305 -6.21 -17.73 9.61
C LEU B 305 -6.75 -18.98 10.35
N GLY B 306 -7.09 -20.04 9.60
CA GLY B 306 -7.47 -21.33 10.16
C GLY B 306 -8.91 -21.36 10.65
N ILE B 307 -9.74 -20.46 10.12
CA ILE B 307 -11.17 -20.31 10.55
C ILE B 307 -12.15 -21.03 9.59
N PRO B 308 -12.95 -22.01 10.08
CA PRO B 308 -13.84 -22.72 9.18
C PRO B 308 -14.97 -21.78 8.66
N GLN B 309 -15.56 -22.16 7.56
CA GLN B 309 -16.58 -21.26 6.98
C GLN B 309 -17.86 -22.03 6.73
N LEU B 310 -19.00 -21.27 6.70
CA LEU B 310 -20.21 -21.78 6.19
C LEU B 310 -20.48 -20.86 4.96
N VAL B 311 -20.47 -21.49 3.81
CA VAL B 311 -20.45 -20.82 2.52
C VAL B 311 -21.80 -20.94 1.79
N LEU B 312 -22.33 -19.77 1.40
CA LEU B 312 -23.58 -19.74 0.62
C LEU B 312 -23.23 -19.22 -0.75
N PRO B 313 -22.80 -20.13 -1.65
CA PRO B 313 -22.27 -19.65 -2.96
C PRO B 313 -23.41 -19.06 -3.80
N GLN B 314 -23.04 -18.10 -4.64
CA GLN B 314 -24.01 -17.34 -5.48
C GLN B 314 -23.67 -17.42 -6.95
N TYR B 315 -22.37 -17.22 -7.29
CA TYR B 315 -22.02 -17.18 -8.76
C TYR B 315 -20.54 -17.53 -9.02
N PHE B 316 -20.22 -17.63 -10.32
CA PHE B 316 -18.82 -17.84 -10.78
C PHE B 316 -18.15 -18.94 -9.99
N ASP B 317 -17.01 -18.64 -9.35
CA ASP B 317 -16.18 -19.70 -8.73
C ASP B 317 -16.64 -20.15 -7.36
N GLN B 318 -17.70 -19.55 -6.86
CA GLN B 318 -18.02 -19.73 -5.46
C GLN B 318 -18.48 -21.14 -5.15
N PHE B 319 -19.16 -21.79 -6.11
CA PHE B 319 -19.72 -23.14 -5.87
C PHE B 319 -18.55 -24.10 -5.73
N ASP B 320 -17.58 -23.97 -6.66
CA ASP B 320 -16.39 -24.82 -6.56
C ASP B 320 -15.66 -24.59 -5.25
N TYR B 321 -15.43 -23.34 -4.89
CA TYR B 321 -14.75 -23.09 -3.61
C TYR B 321 -15.54 -23.72 -2.42
N ALA B 322 -16.84 -23.54 -2.40
CA ALA B 322 -17.67 -24.13 -1.27
C ALA B 322 -17.60 -25.65 -1.22
N ARG B 323 -17.73 -26.33 -2.38
CA ARG B 323 -17.63 -27.80 -2.48
C ARG B 323 -16.24 -28.27 -2.05
N ASN B 324 -15.20 -27.59 -2.51
CA ASN B 324 -13.85 -28.14 -2.21
C ASN B 324 -13.51 -27.92 -0.76
N LEU B 325 -13.95 -26.74 -0.21
CA LEU B 325 -13.74 -26.46 1.23
C LEU B 325 -14.45 -27.51 2.07
N ALA B 326 -15.69 -27.84 1.67
CA ALA B 326 -16.46 -28.82 2.47
C ALA B 326 -15.75 -30.17 2.35
N ALA B 327 -15.25 -30.49 1.14
CA ALA B 327 -14.61 -31.81 0.90
C ALA B 327 -13.39 -31.94 1.74
N ALA B 328 -12.70 -30.85 1.97
CA ALA B 328 -11.50 -30.85 2.79
C ALA B 328 -11.83 -30.84 4.29
N GLY B 329 -13.13 -30.76 4.65
CA GLY B 329 -13.60 -30.81 6.03
C GLY B 329 -13.53 -29.52 6.85
N ALA B 330 -13.28 -28.36 6.16
CA ALA B 330 -13.00 -27.14 6.78
C ALA B 330 -14.24 -26.22 6.66
N GLY B 331 -15.37 -26.77 6.21
CA GLY B 331 -16.58 -25.95 6.27
C GLY B 331 -17.77 -26.70 5.81
N ILE B 332 -18.86 -25.99 5.59
CA ILE B 332 -20.11 -26.55 5.14
C ILE B 332 -20.64 -25.65 4.02
N CYS B 333 -21.22 -26.29 3.00
CA CYS B 333 -21.80 -25.57 1.86
C CYS B 333 -23.33 -25.64 1.95
N LEU B 334 -24.01 -24.53 1.65
CA LEU B 334 -25.50 -24.49 1.44
C LEU B 334 -25.65 -24.24 -0.09
N PRO B 335 -25.92 -25.30 -0.83
CA PRO B 335 -25.50 -25.28 -2.26
C PRO B 335 -26.40 -24.52 -3.24
N ASP B 336 -27.63 -24.23 -2.80
CA ASP B 336 -28.64 -23.71 -3.74
C ASP B 336 -29.75 -22.99 -2.93
N GLU B 337 -30.68 -22.42 -3.73
CA GLU B 337 -31.77 -21.66 -3.11
C GLU B 337 -32.58 -22.46 -2.09
N GLN B 338 -32.86 -23.73 -2.40
CA GLN B 338 -33.56 -24.59 -1.46
C GLN B 338 -32.82 -24.69 -0.14
N ALA B 339 -31.50 -24.72 -0.14
CA ALA B 339 -30.80 -24.97 1.11
C ALA B 339 -30.67 -23.58 1.83
N GLN B 340 -30.40 -22.55 1.06
CA GLN B 340 -30.04 -21.22 1.66
C GLN B 340 -31.38 -20.59 2.23
N SER B 341 -32.51 -21.01 1.64
CA SER B 341 -33.77 -20.43 2.13
C SER B 341 -34.31 -21.21 3.29
N ASP B 342 -33.71 -22.35 3.64
CA ASP B 342 -34.16 -23.20 4.75
C ASP B 342 -33.47 -22.85 6.04
N HIS B 343 -34.14 -22.10 6.89
CA HIS B 343 -33.54 -21.64 8.16
C HIS B 343 -33.11 -22.76 9.09
N GLU B 344 -33.85 -23.85 9.11
CA GLU B 344 -33.43 -25.08 9.86
C GLU B 344 -32.10 -25.64 9.32
N GLN B 345 -31.91 -25.73 8.02
CA GLN B 345 -30.60 -26.24 7.49
C GLN B 345 -29.49 -25.25 7.82
N PHE B 346 -29.82 -23.99 7.69
CA PHE B 346 -28.88 -22.89 7.98
C PHE B 346 -28.45 -22.85 9.48
N THR B 347 -29.39 -22.93 10.41
CA THR B 347 -29.05 -22.87 11.82
C THR B 347 -28.31 -24.19 12.21
N ASP B 348 -28.75 -25.32 11.66
CA ASP B 348 -28.18 -26.60 12.04
C ASP B 348 -26.73 -26.66 11.56
N SER B 349 -26.46 -25.99 10.43
CA SER B 349 -25.05 -25.97 9.92
C SER B 349 -24.15 -25.15 10.82
N ILE B 350 -24.65 -24.03 11.33
CA ILE B 350 -23.83 -23.28 12.27
C ILE B 350 -23.54 -24.16 13.51
N ALA B 351 -24.63 -24.72 14.06
CA ALA B 351 -24.51 -25.48 15.29
C ALA B 351 -23.54 -26.63 15.06
N THR B 352 -23.51 -27.21 13.84
CA THR B 352 -22.61 -28.36 13.54
C THR B 352 -21.19 -27.91 13.69
N VAL B 353 -20.89 -26.75 13.10
CA VAL B 353 -19.46 -26.32 13.21
C VAL B 353 -19.04 -25.96 14.65
N LEU B 354 -19.92 -25.26 15.33
CA LEU B 354 -19.65 -24.80 16.67
C LEU B 354 -19.47 -26.03 17.60
N GLY B 355 -20.08 -27.16 17.19
CA GLY B 355 -20.07 -28.36 18.05
C GLY B 355 -19.01 -29.38 17.71
N ASP B 356 -18.15 -29.08 16.74
CA ASP B 356 -17.16 -30.09 16.30
C ASP B 356 -15.85 -29.44 15.96
N THR B 357 -14.82 -29.61 16.82
CA THR B 357 -13.54 -28.91 16.61
C THR B 357 -12.74 -29.50 15.41
N GLY B 358 -13.27 -30.54 14.80
CA GLY B 358 -12.69 -31.10 13.58
C GLY B 358 -12.74 -30.09 12.44
N PHE B 359 -13.78 -29.24 12.42
CA PHE B 359 -13.74 -28.20 11.34
C PHE B 359 -12.56 -27.24 11.48
N ALA B 360 -12.38 -26.67 12.63
CA ALA B 360 -11.22 -25.78 12.88
C ALA B 360 -9.91 -26.58 12.58
N ALA B 361 -9.90 -27.90 12.87
CA ALA B 361 -8.66 -28.73 12.61
C ALA B 361 -8.35 -28.79 11.13
N ALA B 362 -9.41 -29.03 10.35
CA ALA B 362 -9.23 -29.06 8.90
C ALA B 362 -8.82 -27.72 8.35
N ALA B 363 -9.41 -26.64 8.90
CA ALA B 363 -9.08 -25.27 8.45
C ALA B 363 -7.64 -24.99 8.67
N ILE B 364 -7.12 -25.41 9.83
CA ILE B 364 -5.69 -25.19 10.21
C ILE B 364 -4.82 -25.95 9.22
N LYS B 365 -5.23 -27.14 8.87
CA LYS B 365 -4.52 -27.89 7.78
C LYS B 365 -4.34 -27.09 6.49
N LEU B 366 -5.42 -26.44 6.02
CA LEU B 366 -5.33 -25.56 4.85
C LEU B 366 -4.47 -24.34 5.07
N SER B 367 -4.59 -23.70 6.27
CA SER B 367 -3.78 -22.53 6.62
C SER B 367 -2.32 -22.97 6.37
N ASP B 368 -1.99 -24.16 6.87
CA ASP B 368 -0.59 -24.61 6.67
C ASP B 368 -0.15 -24.85 5.23
N GLU B 369 -1.03 -25.41 4.39
CA GLU B 369 -0.90 -25.41 2.93
C GLU B 369 -0.60 -24.01 2.37
N ILE B 370 -1.37 -23.00 2.84
CA ILE B 370 -1.11 -21.65 2.41
C ILE B 370 0.27 -21.20 2.85
N THR B 371 0.59 -21.42 4.12
CA THR B 371 1.83 -20.74 4.67
C THR B 371 3.10 -21.52 4.25
N ALA B 372 2.93 -22.70 3.69
CA ALA B 372 4.08 -23.43 3.08
C ALA B 372 4.44 -22.89 1.69
N MET B 373 3.53 -22.12 1.08
CA MET B 373 3.81 -21.50 -0.23
C MET B 373 4.76 -20.30 -0.18
N PRO B 374 5.57 -20.10 -1.23
CA PRO B 374 6.39 -18.88 -1.24
C PRO B 374 5.59 -17.56 -1.25
N HIS B 375 6.05 -16.61 -0.44
CA HIS B 375 5.30 -15.31 -0.32
C HIS B 375 5.45 -14.47 -1.53
N PRO B 376 4.60 -13.46 -1.71
CA PRO B 376 4.81 -12.58 -2.88
C PRO B 376 6.24 -11.97 -3.05
N ALA B 377 6.88 -11.60 -1.96
CA ALA B 377 8.31 -11.17 -2.08
C ALA B 377 9.21 -12.25 -2.71
N ALA B 378 9.05 -13.52 -2.32
CA ALA B 378 9.81 -14.57 -2.93
C ALA B 378 9.47 -14.71 -4.43
N LEU B 379 8.21 -14.44 -4.86
CA LEU B 379 7.94 -14.60 -6.29
C LEU B 379 8.58 -13.53 -7.19
N VAL B 380 8.94 -12.38 -6.61
CA VAL B 380 9.56 -11.29 -7.40
C VAL B 380 10.75 -11.82 -8.25
N ARG B 381 11.62 -12.60 -7.62
CA ARG B 381 12.65 -13.35 -8.37
C ARG B 381 12.15 -14.10 -9.61
N THR B 382 11.08 -14.87 -9.49
CA THR B 382 10.52 -15.62 -10.62
C THR B 382 10.05 -14.70 -11.75
N LEU B 383 9.50 -13.54 -11.37
CA LEU B 383 8.97 -12.64 -12.38
C LEU B 383 10.13 -12.03 -13.18
N GLU B 384 11.19 -11.69 -12.45
CA GLU B 384 12.39 -11.17 -13.07
C GLU B 384 12.92 -12.18 -14.14
N ASN B 385 12.97 -13.45 -13.78
CA ASN B 385 13.45 -14.52 -14.68
C ASN B 385 12.43 -14.94 -15.71
#